data_9IMR
#
_entry.id   9IMR
#
_cell.length_a   48.796
_cell.length_b   115.643
_cell.length_c   119.270
_cell.angle_alpha   90.00
_cell.angle_beta   90.00
_cell.angle_gamma   90.00
#
_symmetry.space_group_name_H-M   'P 21 21 21'
#
loop_
_entity.id
_entity.type
_entity.pdbx_description
1 polymer 'Nonaprenyl diphosphate synthase'
2 non-polymer '3-METHYLBUT-3-ENYL TRIHYDROGEN DIPHOSPHATE'
3 non-polymer 'MAGNESIUM ION'
4 non-polymer BICINE
5 non-polymer DI(HYDROXYETHYL)ETHER
6 water water
#
_entity_poly.entity_id   1
_entity_poly.type   'polypeptide(L)'
_entity_poly.pdbx_seq_one_letter_code
;MRTPATVVAGVDLGDAVFAAAVRAGVARVEQLMDTELRQADEVMSDSLLHLFNAGGKRFRPLFTVLSAQIGPQPDAAAVT
VAGAVIEMIHLATLYHDDVMDEAQVRRGAPSANAQWGNNVAILAGDYLLATASRLVARLGPEAVRIIADTFAQLVTGQMR
ETRGTSENVDSIEQYLKVVQEKTGSLIGAAGRLGGMFSGATDEQVERLSRLGGVVGTAFQIADDIIDIDSESDESGKLPG
TDVREGVHTLPMLYALRESGPDCARLRALLNGPVDDDAEVREALTLLRASPGMARAKDVLAQYAAQARHELALLPDVPGR
RALAALVDYTVSRHG
;
_entity_poly.pdbx_strand_id   A,B
#
# COMPACT_ATOMS: atom_id res chain seq x y z
N ARG A 2 -17.56 -21.65 -6.73
CA ARG A 2 -16.98 -22.55 -5.64
C ARG A 2 -15.51 -22.22 -5.36
N THR A 3 -15.11 -22.39 -4.11
CA THR A 3 -13.83 -21.88 -3.56
C THR A 3 -13.47 -22.80 -2.41
N PRO A 4 -12.18 -22.99 -2.10
CA PRO A 4 -11.82 -23.89 -1.01
C PRO A 4 -12.39 -23.46 0.34
N ALA A 5 -12.68 -24.48 1.12
CA ALA A 5 -13.16 -24.33 2.49
C ALA A 5 -12.02 -23.85 3.40
N THR A 6 -12.35 -23.45 4.64
CA THR A 6 -11.34 -23.05 5.64
C THR A 6 -10.42 -24.26 5.92
N VAL A 7 -9.18 -23.98 6.28
CA VAL A 7 -8.17 -25.02 6.59
C VAL A 7 -8.66 -25.80 7.81
N VAL A 8 -9.26 -25.09 8.75
CA VAL A 8 -9.73 -25.75 9.99
C VAL A 8 -10.75 -26.85 9.61
N ALA A 9 -11.49 -26.77 8.50
CA ALA A 9 -12.43 -27.82 8.04
C ALA A 9 -11.71 -28.94 7.27
N GLY A 10 -10.42 -28.80 6.98
CA GLY A 10 -9.72 -29.71 6.06
C GLY A 10 -8.58 -30.47 6.72
N VAL A 11 -8.47 -30.42 8.05
CA VAL A 11 -7.40 -31.12 8.79
C VAL A 11 -8.01 -31.88 9.95
N ASP A 12 -7.31 -32.89 10.38
CA ASP A 12 -7.58 -33.62 11.63
C ASP A 12 -6.87 -32.85 12.73
N LEU A 13 -7.61 -32.11 13.56
CA LEU A 13 -6.94 -31.23 14.57
C LEU A 13 -6.50 -32.05 15.77
N GLY A 14 -7.03 -33.27 15.90
CA GLY A 14 -6.76 -34.24 16.98
C GLY A 14 -8.01 -34.49 17.82
N ASP A 15 -7.84 -34.54 19.14
CA ASP A 15 -8.97 -34.84 20.06
C ASP A 15 -10.01 -33.71 19.95
N ALA A 16 -11.29 -34.00 20.14
CA ALA A 16 -12.41 -33.04 20.18
C ALA A 16 -12.13 -31.87 21.13
N VAL A 17 -11.55 -32.07 22.31
CA VAL A 17 -11.32 -30.95 23.27
C VAL A 17 -10.31 -29.99 22.62
N PHE A 18 -9.38 -30.49 21.82
CA PHE A 18 -8.36 -29.65 21.16
C PHE A 18 -8.97 -28.91 19.95
N ALA A 19 -9.70 -29.65 19.11
CA ALA A 19 -10.42 -29.11 17.93
C ALA A 19 -11.34 -27.96 18.37
N ALA A 20 -12.08 -28.17 19.47
CA ALA A 20 -12.91 -27.12 20.12
C ALA A 20 -12.07 -25.85 20.33
N ALA A 21 -10.94 -25.99 21.03
CA ALA A 21 -10.12 -24.82 21.43
C ALA A 21 -9.61 -24.10 20.17
N VAL A 22 -9.23 -24.85 19.15
CA VAL A 22 -8.59 -24.26 17.94
C VAL A 22 -9.65 -23.58 17.08
N ARG A 23 -10.74 -24.28 16.78
CA ARG A 23 -11.87 -23.68 16.03
C ARG A 23 -12.25 -22.35 16.70
N ALA A 24 -12.38 -22.32 18.03
CA ALA A 24 -12.83 -21.09 18.73
C ALA A 24 -11.78 -20.00 18.51
N GLY A 25 -10.50 -20.33 18.60
CA GLY A 25 -9.42 -19.35 18.44
C GLY A 25 -9.49 -18.71 17.06
N VAL A 26 -9.74 -19.54 16.03
CA VAL A 26 -9.78 -19.02 14.65
C VAL A 26 -11.03 -18.15 14.47
N ALA A 27 -12.12 -18.51 15.15
CA ALA A 27 -13.40 -17.77 15.08
C ALA A 27 -13.25 -16.39 15.73
N ARG A 28 -12.44 -16.29 16.78
CA ARG A 28 -12.23 -15.00 17.46
C ARG A 28 -11.49 -14.07 16.50
N VAL A 29 -10.50 -14.61 15.80
CA VAL A 29 -9.77 -13.84 14.76
C VAL A 29 -10.78 -13.33 13.73
N GLU A 30 -11.62 -14.20 13.21
CA GLU A 30 -12.66 -13.85 12.21
C GLU A 30 -13.56 -12.73 12.75
N GLN A 31 -14.03 -12.88 13.97
CA GLN A 31 -14.98 -11.92 14.58
C GLN A 31 -14.31 -10.55 14.71
N LEU A 32 -13.05 -10.52 15.13
CA LEU A 32 -12.32 -9.24 15.27
C LEU A 32 -12.10 -8.61 13.87
N MET A 33 -11.68 -9.39 12.89
CA MET A 33 -11.51 -8.82 11.53
C MET A 33 -12.81 -8.28 10.98
N ASP A 34 -13.88 -9.05 11.07
CA ASP A 34 -15.22 -8.61 10.63
C ASP A 34 -15.55 -7.24 11.24
N THR A 35 -15.43 -7.10 12.56
CA THR A 35 -15.66 -5.83 13.29
C THR A 35 -14.78 -4.71 12.73
N GLU A 36 -13.47 -4.95 12.60
CA GLU A 36 -12.51 -3.93 12.11
C GLU A 36 -12.84 -3.48 10.68
N LEU A 37 -13.17 -4.40 9.77
CA LEU A 37 -13.51 -4.04 8.37
C LEU A 37 -14.79 -3.19 8.32
N ARG A 38 -15.72 -3.43 9.25
CA ARG A 38 -17.06 -2.77 9.24
C ARG A 38 -16.98 -1.40 9.92
N GLN A 39 -15.88 -1.02 10.53
CA GLN A 39 -15.70 0.32 11.16
C GLN A 39 -15.30 1.36 10.11
N ALA A 40 -14.93 0.94 8.90
CA ALA A 40 -14.46 1.88 7.86
C ALA A 40 -15.63 2.75 7.38
N ASP A 41 -15.33 3.95 6.90
CA ASP A 41 -16.32 4.80 6.21
C ASP A 41 -17.11 3.95 5.20
N GLU A 42 -18.42 4.20 5.07
CA GLU A 42 -19.32 3.57 4.06
C GLU A 42 -18.65 3.49 2.68
N VAL A 43 -17.89 4.50 2.25
CA VAL A 43 -17.30 4.54 0.88
C VAL A 43 -16.35 3.36 0.67
N MET A 44 -15.74 2.87 1.75
CA MET A 44 -14.78 1.73 1.75
C MET A 44 -15.51 0.38 1.88
N SER A 45 -16.76 0.35 2.38
CA SER A 45 -17.35 -0.85 3.00
C SER A 45 -17.45 -2.01 1.99
N ASP A 46 -18.01 -1.78 0.79
CA ASP A 46 -18.23 -2.83 -0.24
C ASP A 46 -16.87 -3.46 -0.59
N SER A 47 -15.87 -2.62 -0.83
CA SER A 47 -14.56 -3.11 -1.34
C SER A 47 -13.83 -3.85 -0.22
N LEU A 48 -13.93 -3.38 1.02
CA LEU A 48 -13.20 -3.97 2.18
C LEU A 48 -13.80 -5.32 2.54
N LEU A 49 -15.09 -5.54 2.29
CA LEU A 49 -15.76 -6.80 2.69
C LEU A 49 -15.78 -7.80 1.53
N HIS A 50 -15.46 -7.37 0.30
CA HIS A 50 -15.65 -8.18 -0.93
C HIS A 50 -14.94 -9.54 -0.82
N LEU A 51 -13.63 -9.55 -0.61
CA LEU A 51 -12.84 -10.82 -0.61
C LEU A 51 -13.09 -11.57 0.69
N PHE A 52 -13.13 -10.84 1.80
CA PHE A 52 -13.32 -11.41 3.17
C PHE A 52 -14.60 -12.27 3.21
N ASN A 53 -15.69 -11.77 2.64
CA ASN A 53 -17.00 -12.49 2.64
C ASN A 53 -17.03 -13.57 1.56
N ALA A 54 -16.25 -13.48 0.51
CA ALA A 54 -16.34 -14.43 -0.62
C ALA A 54 -15.86 -15.82 -0.19
N GLY A 55 -14.84 -15.86 0.64
CA GLY A 55 -14.21 -17.08 1.15
C GLY A 55 -12.81 -16.82 1.67
N GLY A 56 -11.91 -17.73 1.30
CA GLY A 56 -10.51 -17.76 1.74
C GLY A 56 -10.35 -18.83 2.79
N LYS A 57 -9.21 -19.50 2.79
CA LYS A 57 -9.02 -20.69 3.65
C LYS A 57 -8.67 -20.29 5.11
N ARG A 58 -8.30 -19.05 5.36
CA ARG A 58 -7.88 -18.61 6.70
C ARG A 58 -6.73 -19.50 7.19
N PHE A 59 -5.80 -19.84 6.29
CA PHE A 59 -4.59 -20.60 6.65
C PHE A 59 -3.80 -19.82 7.71
N ARG A 60 -3.72 -18.51 7.59
CA ARG A 60 -2.77 -17.73 8.41
C ARG A 60 -3.33 -17.52 9.81
N PRO A 61 -4.63 -17.22 9.97
CA PRO A 61 -5.23 -17.28 11.31
C PRO A 61 -5.00 -18.64 11.97
N LEU A 62 -5.20 -19.72 11.23
CA LEU A 62 -5.01 -21.07 11.82
C LEU A 62 -3.54 -21.23 12.22
N PHE A 63 -2.60 -20.84 11.35
CA PHE A 63 -1.17 -20.96 11.69
C PHE A 63 -0.86 -20.19 12.97
N THR A 64 -1.40 -18.98 13.09
CA THR A 64 -1.16 -18.11 14.29
C THR A 64 -1.70 -18.79 15.57
N VAL A 65 -2.92 -19.28 15.50
CA VAL A 65 -3.65 -19.95 16.61
C VAL A 65 -2.90 -21.23 16.98
N LEU A 66 -2.50 -22.02 16.01
CA LEU A 66 -1.74 -23.28 16.33
C LEU A 66 -0.38 -22.95 16.95
N SER A 67 0.34 -21.93 16.46
CA SER A 67 1.61 -21.45 17.03
C SER A 67 1.37 -21.05 18.49
N ALA A 68 0.24 -20.39 18.76
CA ALA A 68 -0.11 -19.92 20.12
C ALA A 68 -0.38 -21.12 21.03
N GLN A 69 -0.73 -22.30 20.49
CA GLN A 69 -1.01 -23.48 21.34
C GLN A 69 0.28 -24.02 21.94
N ILE A 70 1.43 -23.53 21.48
CA ILE A 70 2.74 -23.93 22.04
C ILE A 70 2.95 -23.21 23.36
N GLY A 71 2.43 -21.99 23.48
CA GLY A 71 2.59 -21.13 24.67
C GLY A 71 1.60 -21.48 25.77
N PRO A 72 1.89 -21.07 27.02
CA PRO A 72 0.98 -21.27 28.14
C PRO A 72 -0.26 -20.37 28.16
N GLN A 73 -0.36 -19.33 27.32
CA GLN A 73 -1.58 -18.49 27.25
C GLN A 73 -2.08 -18.47 25.81
N PRO A 74 -2.51 -19.61 25.24
CA PRO A 74 -2.86 -19.68 23.83
C PRO A 74 -4.08 -18.82 23.47
N ASP A 75 -4.95 -18.56 24.46
CA ASP A 75 -6.24 -17.87 24.21
C ASP A 75 -6.18 -16.39 24.59
N ALA A 76 -5.00 -15.86 24.85
CA ALA A 76 -4.78 -14.44 25.16
C ALA A 76 -5.44 -13.59 24.08
N ALA A 77 -6.04 -12.49 24.49
CA ALA A 77 -6.63 -11.50 23.55
C ALA A 77 -5.55 -11.11 22.52
N ALA A 78 -4.28 -10.96 22.94
CA ALA A 78 -3.21 -10.48 22.02
C ALA A 78 -2.98 -11.48 20.88
N VAL A 79 -3.19 -12.77 21.12
CA VAL A 79 -3.06 -13.83 20.06
C VAL A 79 -4.10 -13.55 18.98
N THR A 80 -5.35 -13.27 19.38
CA THR A 80 -6.45 -12.96 18.46
C THR A 80 -6.11 -11.72 17.62
N VAL A 81 -5.60 -10.68 18.26
CA VAL A 81 -5.18 -9.44 17.58
C VAL A 81 -4.11 -9.80 16.53
N ALA A 82 -3.09 -10.57 16.92
CA ALA A 82 -2.01 -10.99 16.02
C ALA A 82 -2.58 -11.72 14.80
N GLY A 83 -3.47 -12.69 15.01
CA GLY A 83 -4.08 -13.44 13.92
C GLY A 83 -4.80 -12.52 12.94
N ALA A 84 -5.53 -11.52 13.45
CA ALA A 84 -6.29 -10.55 12.62
C ALA A 84 -5.31 -9.68 11.87
N VAL A 85 -4.23 -9.24 12.52
CA VAL A 85 -3.23 -8.38 11.84
C VAL A 85 -2.65 -9.16 10.65
N ILE A 86 -2.22 -10.40 10.87
CA ILE A 86 -1.58 -11.24 9.82
C ILE A 86 -2.56 -11.38 8.66
N GLU A 87 -3.84 -11.67 8.94
CA GLU A 87 -4.82 -11.94 7.86
C GLU A 87 -5.16 -10.62 7.14
N MET A 88 -5.22 -9.51 7.85
CA MET A 88 -5.42 -8.16 7.25
C MET A 88 -4.28 -7.83 6.28
N ILE A 89 -3.04 -8.17 6.63
CA ILE A 89 -1.88 -7.96 5.72
C ILE A 89 -2.05 -8.89 4.51
N HIS A 90 -2.39 -10.14 4.75
CA HIS A 90 -2.61 -11.14 3.68
C HIS A 90 -3.67 -10.58 2.74
N LEU A 91 -4.80 -10.14 3.30
CA LEU A 91 -5.93 -9.62 2.50
C LEU A 91 -5.45 -8.43 1.65
N ALA A 92 -4.72 -7.48 2.24
CA ALA A 92 -4.16 -6.33 1.49
C ALA A 92 -3.32 -6.81 0.28
N THR A 93 -2.45 -7.78 0.48
CA THR A 93 -1.59 -8.31 -0.60
C THR A 93 -2.46 -8.90 -1.72
N LEU A 94 -3.60 -9.53 -1.41
CA LEU A 94 -4.44 -10.16 -2.47
C LEU A 94 -5.01 -9.05 -3.38
N TYR A 95 -5.47 -7.93 -2.81
CA TYR A 95 -6.01 -6.81 -3.62
C TYR A 95 -4.93 -6.36 -4.59
N HIS A 96 -3.69 -6.12 -4.11
CA HIS A 96 -2.61 -5.62 -5.01
C HIS A 96 -2.18 -6.72 -5.97
N ASP A 97 -2.10 -7.98 -5.50
CA ASP A 97 -1.59 -9.07 -6.33
C ASP A 97 -2.57 -9.33 -7.50
N ASP A 98 -3.87 -9.25 -7.24
CA ASP A 98 -4.90 -9.47 -8.29
C ASP A 98 -4.82 -8.38 -9.35
N VAL A 99 -4.52 -7.16 -8.94
CA VAL A 99 -4.31 -6.05 -9.92
C VAL A 99 -3.10 -6.39 -10.79
N MET A 100 -1.99 -6.73 -10.15
CA MET A 100 -0.68 -6.99 -10.84
C MET A 100 -0.77 -8.22 -11.72
N ASP A 101 -1.50 -9.26 -11.31
CA ASP A 101 -1.61 -10.52 -12.07
C ASP A 101 -2.82 -10.46 -13.01
N GLU A 102 -3.52 -9.33 -13.10
CA GLU A 102 -4.73 -9.16 -13.96
C GLU A 102 -5.71 -10.30 -13.71
N ALA A 103 -5.88 -10.69 -12.47
CA ALA A 103 -6.76 -11.82 -12.11
C ALA A 103 -8.20 -11.32 -12.16
N GLN A 104 -9.09 -12.13 -12.71
CA GLN A 104 -10.52 -11.78 -12.91
C GLN A 104 -11.36 -12.46 -11.80
N VAL A 105 -10.79 -13.42 -11.10
CA VAL A 105 -11.50 -14.30 -10.13
C VAL A 105 -10.59 -14.51 -8.90
N ARG A 106 -11.18 -14.36 -7.71
CA ARG A 106 -10.53 -14.65 -6.40
C ARG A 106 -11.57 -15.22 -5.44
N ARG A 107 -11.27 -16.30 -4.75
CA ARG A 107 -12.20 -16.88 -3.76
C ARG A 107 -13.57 -17.14 -4.39
N GLY A 108 -13.58 -17.62 -5.63
CA GLY A 108 -14.80 -18.02 -6.33
C GLY A 108 -15.66 -16.85 -6.71
N ALA A 109 -15.20 -15.62 -6.51
CA ALA A 109 -15.94 -14.39 -6.87
C ALA A 109 -15.14 -13.61 -7.91
N PRO A 110 -15.74 -12.61 -8.56
CA PRO A 110 -14.99 -11.63 -9.32
C PRO A 110 -13.93 -11.04 -8.38
N SER A 111 -12.73 -10.88 -8.88
CA SER A 111 -11.67 -10.15 -8.12
C SER A 111 -12.22 -8.74 -7.84
N ALA A 112 -11.61 -8.04 -6.89
CA ALA A 112 -12.00 -6.65 -6.57
C ALA A 112 -11.78 -5.78 -7.82
N ASN A 113 -10.71 -6.05 -8.56
CA ASN A 113 -10.40 -5.25 -9.78
C ASN A 113 -11.39 -5.61 -10.90
N ALA A 114 -11.82 -6.85 -11.05
CA ALA A 114 -12.86 -7.19 -12.06
C ALA A 114 -14.16 -6.50 -11.67
N GLN A 115 -14.47 -6.47 -10.37
CA GLN A 115 -15.75 -5.95 -9.86
C GLN A 115 -15.78 -4.43 -10.02
N TRP A 116 -14.71 -3.72 -9.63
CA TRP A 116 -14.75 -2.22 -9.47
C TRP A 116 -13.65 -1.49 -10.22
N GLY A 117 -12.72 -2.21 -10.82
CA GLY A 117 -11.57 -1.63 -11.53
C GLY A 117 -10.32 -1.61 -10.66
N ASN A 118 -9.19 -1.43 -11.29
CA ASN A 118 -7.87 -1.46 -10.58
C ASN A 118 -7.81 -0.42 -9.47
N ASN A 119 -8.36 0.79 -9.66
CA ASN A 119 -8.16 1.92 -8.72
C ASN A 119 -8.81 1.58 -7.37
N VAL A 120 -10.04 1.08 -7.40
CA VAL A 120 -10.76 0.69 -6.17
C VAL A 120 -9.95 -0.41 -5.47
N ALA A 121 -9.40 -1.37 -6.21
CA ALA A 121 -8.66 -2.50 -5.62
C ALA A 121 -7.36 -1.99 -5.02
N ILE A 122 -6.63 -1.11 -5.70
CA ILE A 122 -5.38 -0.51 -5.18
C ILE A 122 -5.73 0.15 -3.84
N LEU A 123 -6.79 0.94 -3.80
CA LEU A 123 -7.10 1.75 -2.60
C LEU A 123 -7.63 0.85 -1.49
N ALA A 124 -8.39 -0.18 -1.81
CA ALA A 124 -8.86 -1.13 -0.80
C ALA A 124 -7.63 -1.80 -0.17
N GLY A 125 -6.63 -2.15 -0.96
CA GLY A 125 -5.38 -2.76 -0.45
C GLY A 125 -4.63 -1.78 0.47
N ASP A 126 -4.52 -0.52 0.05
CA ASP A 126 -3.86 0.55 0.85
C ASP A 126 -4.60 0.72 2.18
N TYR A 127 -5.92 0.75 2.17
CA TYR A 127 -6.73 0.95 3.38
C TYR A 127 -6.43 -0.18 4.39
N LEU A 128 -6.43 -1.43 3.94
CA LEU A 128 -6.21 -2.64 4.77
C LEU A 128 -4.86 -2.55 5.49
N LEU A 129 -3.87 -1.93 4.86
CA LEU A 129 -2.56 -1.70 5.49
C LEU A 129 -2.73 -0.76 6.65
N ALA A 130 -3.55 0.28 6.52
CA ALA A 130 -3.80 1.25 7.61
C ALA A 130 -4.51 0.53 8.75
N THR A 131 -5.47 -0.32 8.41
CA THR A 131 -6.24 -1.12 9.39
C THR A 131 -5.28 -2.03 10.17
N ALA A 132 -4.45 -2.78 9.46
CA ALA A 132 -3.48 -3.71 10.05
C ALA A 132 -2.55 -2.94 10.98
N SER A 133 -2.08 -1.80 10.50
CA SER A 133 -1.19 -0.89 11.23
C SER A 133 -1.86 -0.48 12.52
N ARG A 134 -3.12 -0.06 12.48
CA ARG A 134 -3.76 0.48 13.71
C ARG A 134 -4.00 -0.68 14.69
N LEU A 135 -4.36 -1.85 14.20
CA LEU A 135 -4.57 -3.06 15.03
C LEU A 135 -3.26 -3.51 15.69
N VAL A 136 -2.18 -3.62 14.94
CA VAL A 136 -0.91 -4.16 15.51
C VAL A 136 -0.36 -3.18 16.55
N ALA A 137 -0.72 -1.90 16.48
CA ALA A 137 -0.32 -0.88 17.47
C ALA A 137 -0.75 -1.33 18.87
N ARG A 138 -1.87 -2.05 18.97
CA ARG A 138 -2.35 -2.61 20.25
C ARG A 138 -1.30 -3.53 20.90
N LEU A 139 -0.40 -4.15 20.12
CA LEU A 139 0.45 -5.26 20.63
C LEU A 139 1.79 -4.70 21.09
N GLY A 140 2.07 -3.45 20.77
CA GLY A 140 3.27 -2.74 21.24
C GLY A 140 4.33 -2.63 20.16
N PRO A 141 5.43 -1.91 20.46
CA PRO A 141 6.40 -1.53 19.43
C PRO A 141 7.13 -2.70 18.80
N GLU A 142 7.39 -3.77 19.55
CA GLU A 142 8.08 -4.96 18.98
C GLU A 142 7.23 -5.52 17.83
N ALA A 143 5.94 -5.70 18.06
CA ALA A 143 4.99 -6.25 17.06
C ALA A 143 4.87 -5.29 15.87
N VAL A 144 4.82 -3.99 16.14
CA VAL A 144 4.72 -2.97 15.08
C VAL A 144 5.89 -3.14 14.11
N ARG A 145 7.10 -3.23 14.66
CA ARG A 145 8.36 -3.40 13.88
C ARG A 145 8.29 -4.71 13.10
N ILE A 146 7.86 -5.80 13.74
CA ILE A 146 7.82 -7.14 13.08
C ILE A 146 6.91 -7.06 11.85
N ILE A 147 5.78 -6.42 11.96
CA ILE A 147 4.77 -6.32 10.87
C ILE A 147 5.31 -5.39 9.75
N ALA A 148 5.95 -4.26 10.10
CA ALA A 148 6.59 -3.34 9.13
C ALA A 148 7.64 -4.09 8.33
N ASP A 149 8.51 -4.81 9.01
CA ASP A 149 9.65 -5.49 8.36
C ASP A 149 9.08 -6.66 7.53
N THR A 150 8.02 -7.30 8.01
CA THR A 150 7.40 -8.45 7.34
C THR A 150 6.76 -7.97 6.05
N PHE A 151 5.97 -6.90 6.12
CA PHE A 151 5.39 -6.32 4.90
C PHE A 151 6.50 -5.86 3.93
N ALA A 152 7.56 -5.22 4.44
CA ALA A 152 8.67 -4.77 3.55
C ALA A 152 9.28 -5.99 2.84
N GLN A 153 9.47 -7.11 3.55
CA GLN A 153 10.07 -8.32 2.96
C GLN A 153 9.15 -8.92 1.88
N LEU A 154 7.87 -9.03 2.19
CA LEU A 154 6.81 -9.58 1.29
C LEU A 154 6.80 -8.76 0.00
N VAL A 155 6.78 -7.45 0.14
CA VAL A 155 6.79 -6.51 -1.01
C VAL A 155 8.08 -6.69 -1.81
N THR A 156 9.21 -6.85 -1.14
CA THR A 156 10.50 -7.09 -1.79
C THR A 156 10.39 -8.37 -2.63
N GLY A 157 9.81 -9.44 -2.08
CA GLY A 157 9.60 -10.71 -2.82
C GLY A 157 8.73 -10.53 -4.05
N GLN A 158 7.64 -9.78 -3.93
CA GLN A 158 6.73 -9.45 -5.07
C GLN A 158 7.52 -8.69 -6.14
N MET A 159 8.36 -7.74 -5.70
CA MET A 159 9.15 -6.88 -6.62
C MET A 159 10.17 -7.75 -7.36
N ARG A 160 10.86 -8.61 -6.60
CA ARG A 160 11.88 -9.52 -7.13
C ARG A 160 11.24 -10.46 -8.15
N GLU A 161 10.02 -10.93 -7.90
CA GLU A 161 9.34 -11.78 -8.89
C GLU A 161 9.11 -10.97 -10.17
N THR A 162 8.62 -9.73 -10.07
CA THR A 162 8.14 -8.99 -11.26
C THR A 162 9.34 -8.42 -12.01
N ARG A 163 10.43 -8.11 -11.30
CA ARG A 163 11.62 -7.45 -11.89
C ARG A 163 12.57 -8.46 -12.52
N GLY A 164 12.56 -9.70 -12.00
CA GLY A 164 13.62 -10.66 -12.29
C GLY A 164 14.96 -10.14 -11.83
N THR A 165 16.05 -10.60 -12.44
CA THR A 165 17.41 -10.24 -11.96
C THR A 165 18.44 -10.50 -13.05
N SER A 166 19.59 -9.81 -12.96
CA SER A 166 20.77 -10.10 -13.82
C SER A 166 21.89 -10.71 -12.98
N GLU A 167 21.64 -11.01 -11.71
CA GLU A 167 22.63 -11.64 -10.81
C GLU A 167 22.90 -13.07 -11.33
N ASN A 168 24.07 -13.61 -11.02
CA ASN A 168 24.43 -14.99 -11.39
C ASN A 168 23.76 -15.94 -10.39
N VAL A 169 22.48 -16.17 -10.55
CA VAL A 169 21.68 -17.05 -9.67
C VAL A 169 21.12 -18.16 -10.56
N ASP A 170 20.99 -19.34 -10.02
CA ASP A 170 20.25 -20.45 -10.66
C ASP A 170 18.77 -20.06 -10.61
N SER A 171 18.01 -20.37 -11.65
CA SER A 171 16.59 -19.95 -11.73
C SER A 171 15.83 -20.57 -10.55
N ILE A 172 16.16 -21.79 -10.18
CA ILE A 172 15.47 -22.50 -9.05
C ILE A 172 15.84 -21.79 -7.74
N GLU A 173 17.12 -21.45 -7.60
CA GLU A 173 17.65 -20.72 -6.42
C GLU A 173 16.95 -19.35 -6.29
N GLN A 174 16.81 -18.60 -7.37
CA GLN A 174 16.09 -17.31 -7.42
C GLN A 174 14.61 -17.52 -7.06
N TYR A 175 13.99 -18.55 -7.64
CA TYR A 175 12.58 -18.88 -7.37
C TYR A 175 12.43 -19.07 -5.85
N LEU A 176 13.30 -19.88 -5.26
CA LEU A 176 13.15 -20.25 -3.82
C LEU A 176 13.30 -19.01 -2.94
N LYS A 177 14.18 -18.08 -3.32
CA LYS A 177 14.40 -16.81 -2.60
C LYS A 177 13.17 -15.92 -2.69
N VAL A 178 12.58 -15.85 -3.88
CA VAL A 178 11.36 -15.07 -4.10
C VAL A 178 10.26 -15.61 -3.19
N VAL A 179 10.01 -16.91 -3.19
CA VAL A 179 8.79 -17.42 -2.51
C VAL A 179 9.00 -17.33 -0.98
N GLN A 180 10.22 -17.46 -0.49
CA GLN A 180 10.60 -17.26 0.93
C GLN A 180 10.20 -15.84 1.33
N GLU A 181 10.49 -14.84 0.50
CA GLU A 181 10.11 -13.43 0.76
C GLU A 181 8.58 -13.26 0.63
N LYS A 182 8.00 -13.54 -0.52
CA LYS A 182 6.59 -13.10 -0.81
C LYS A 182 5.57 -13.92 -0.01
N THR A 183 5.90 -15.14 0.43
CA THR A 183 4.95 -16.06 1.08
C THR A 183 5.49 -16.54 2.43
N GLY A 184 6.76 -16.89 2.51
CA GLY A 184 7.38 -17.34 3.77
C GLY A 184 7.32 -16.26 4.84
N SER A 185 7.65 -15.01 4.51
CA SER A 185 7.87 -13.99 5.57
C SER A 185 6.61 -13.91 6.45
N LEU A 186 5.44 -13.85 5.81
CA LEU A 186 4.18 -13.54 6.55
C LEU A 186 3.75 -14.74 7.40
N ILE A 187 3.95 -15.96 6.93
CA ILE A 187 3.64 -17.15 7.75
C ILE A 187 4.68 -17.29 8.89
N GLY A 188 5.94 -17.00 8.62
CA GLY A 188 6.93 -16.86 9.71
C GLY A 188 6.48 -15.86 10.77
N ALA A 189 5.99 -14.70 10.38
CA ALA A 189 5.51 -13.66 11.32
C ALA A 189 4.32 -14.19 12.11
N ALA A 190 3.43 -14.98 11.49
CA ALA A 190 2.29 -15.60 12.19
C ALA A 190 2.83 -16.50 13.30
N GLY A 191 3.85 -17.31 12.99
CA GLY A 191 4.46 -18.18 14.02
C GLY A 191 5.08 -17.36 15.12
N ARG A 192 5.84 -16.34 14.73
CA ARG A 192 6.54 -15.47 15.72
C ARG A 192 5.50 -14.82 16.64
N LEU A 193 4.49 -14.17 16.08
CA LEU A 193 3.52 -13.41 16.92
C LEU A 193 2.70 -14.38 17.75
N GLY A 194 2.25 -15.50 17.18
CA GLY A 194 1.52 -16.50 17.97
C GLY A 194 2.35 -16.98 19.16
N GLY A 195 3.63 -17.26 18.94
CA GLY A 195 4.55 -17.69 20.01
C GLY A 195 4.76 -16.60 21.03
N MET A 196 5.03 -15.40 20.56
CA MET A 196 5.25 -14.23 21.45
C MET A 196 4.04 -14.01 22.37
N PHE A 197 2.82 -13.90 21.82
CA PHE A 197 1.68 -13.38 22.60
C PHE A 197 0.99 -14.49 23.37
N SER A 198 1.42 -15.72 23.16
CA SER A 198 0.97 -16.89 23.95
C SER A 198 1.97 -17.14 25.10
N GLY A 199 3.06 -16.40 25.15
CA GLY A 199 4.07 -16.53 26.24
C GLY A 199 5.01 -17.71 26.03
N ALA A 200 5.15 -18.22 24.80
CA ALA A 200 6.13 -19.29 24.47
C ALA A 200 7.55 -18.80 24.74
N THR A 201 8.48 -19.74 24.91
CA THR A 201 9.88 -19.41 25.23
C THR A 201 10.51 -18.70 24.04
N ASP A 202 11.65 -18.03 24.25
CA ASP A 202 12.42 -17.34 23.17
C ASP A 202 12.78 -18.35 22.07
N GLU A 203 13.15 -19.57 22.43
CA GLU A 203 13.57 -20.62 21.48
C GLU A 203 12.35 -21.07 20.67
N GLN A 204 11.21 -21.25 21.35
CA GLN A 204 9.94 -21.67 20.70
C GLN A 204 9.51 -20.58 19.73
N VAL A 205 9.66 -19.33 20.11
CA VAL A 205 9.23 -18.20 19.26
C VAL A 205 10.06 -18.27 17.99
N GLU A 206 11.39 -18.40 18.12
CA GLU A 206 12.29 -18.48 16.95
C GLU A 206 11.96 -19.70 16.13
N ARG A 207 11.65 -20.84 16.77
CA ARG A 207 11.36 -22.09 16.03
C ARG A 207 10.09 -21.92 15.18
N LEU A 208 9.05 -21.35 15.77
CA LEU A 208 7.75 -21.12 15.09
C LEU A 208 7.94 -20.19 13.89
N SER A 209 8.78 -19.16 14.04
CA SER A 209 9.13 -18.24 12.94
C SER A 209 9.81 -19.02 11.80
N ARG A 210 10.82 -19.83 12.14
CA ARG A 210 11.53 -20.69 11.15
C ARG A 210 10.54 -21.65 10.51
N LEU A 211 9.69 -22.28 11.32
CA LEU A 211 8.69 -23.25 10.81
C LEU A 211 7.80 -22.53 9.77
N GLY A 212 7.30 -21.33 10.11
CA GLY A 212 6.37 -20.62 9.22
C GLY A 212 7.03 -20.31 7.90
N GLY A 213 8.31 -19.91 7.93
CA GLY A 213 9.05 -19.62 6.71
C GLY A 213 9.12 -20.85 5.81
N VAL A 214 9.42 -22.02 6.39
CA VAL A 214 9.52 -23.27 5.62
C VAL A 214 8.14 -23.62 5.10
N VAL A 215 7.12 -23.51 5.95
CA VAL A 215 5.73 -23.85 5.53
C VAL A 215 5.32 -22.90 4.41
N GLY A 216 5.73 -21.63 4.47
CA GLY A 216 5.33 -20.67 3.43
C GLY A 216 5.97 -21.01 2.10
N THR A 217 7.20 -21.51 2.11
CA THR A 217 7.88 -22.02 0.89
C THR A 217 7.04 -23.17 0.29
N ALA A 218 6.72 -24.18 1.10
CA ALA A 218 5.91 -25.33 0.69
C ALA A 218 4.55 -24.80 0.16
N PHE A 219 3.96 -23.82 0.85
CA PHE A 219 2.63 -23.29 0.56
C PHE A 219 2.67 -22.68 -0.85
N GLN A 220 3.76 -21.97 -1.16
CA GLN A 220 3.85 -21.25 -2.46
C GLN A 220 4.13 -22.27 -3.59
N ILE A 221 4.95 -23.29 -3.34
CA ILE A 221 5.18 -24.35 -4.34
C ILE A 221 3.85 -25.03 -4.62
N ALA A 222 3.09 -25.39 -3.58
CA ALA A 222 1.73 -25.96 -3.73
C ALA A 222 0.87 -25.00 -4.57
N ASP A 223 0.90 -23.70 -4.29
CA ASP A 223 0.09 -22.68 -4.96
C ASP A 223 0.45 -22.71 -6.47
N ASP A 224 1.72 -22.87 -6.78
CA ASP A 224 2.24 -22.85 -8.17
C ASP A 224 1.77 -24.12 -8.90
N ILE A 225 1.72 -25.24 -8.20
CA ILE A 225 1.21 -26.53 -8.77
C ILE A 225 -0.28 -26.40 -8.99
N ILE A 226 -1.00 -25.88 -7.99
CA ILE A 226 -2.46 -25.64 -8.05
C ILE A 226 -2.78 -24.75 -9.26
N ASP A 227 -1.90 -23.81 -9.59
CA ASP A 227 -2.15 -22.90 -10.73
C ASP A 227 -2.20 -23.72 -12.04
N ILE A 228 -1.45 -24.81 -12.10
CA ILE A 228 -1.40 -25.69 -13.31
C ILE A 228 -2.47 -26.80 -13.22
N ASP A 229 -2.63 -27.41 -12.05
CA ASP A 229 -3.26 -28.74 -11.89
C ASP A 229 -4.71 -28.65 -11.42
N SER A 230 -5.11 -27.56 -10.80
CA SER A 230 -6.47 -27.46 -10.21
C SER A 230 -7.41 -26.78 -11.21
N GLU A 231 -8.70 -27.08 -11.13
CA GLU A 231 -9.74 -26.35 -11.87
C GLU A 231 -10.29 -25.26 -10.96
N SER A 232 -11.02 -24.33 -11.51
CA SER A 232 -11.43 -23.10 -10.79
C SER A 232 -12.36 -23.46 -9.62
N ASP A 233 -13.18 -24.51 -9.73
CA ASP A 233 -14.06 -24.93 -8.61
C ASP A 233 -13.21 -25.42 -7.43
N GLU A 234 -12.00 -25.89 -7.68
CA GLU A 234 -11.12 -26.40 -6.60
C GLU A 234 -10.34 -25.25 -5.95
N SER A 235 -9.94 -24.26 -6.71
CA SER A 235 -8.98 -23.22 -6.24
C SER A 235 -9.67 -21.90 -5.99
N GLY A 236 -10.86 -21.67 -6.52
CA GLY A 236 -11.53 -20.36 -6.41
C GLY A 236 -10.90 -19.31 -7.29
N LYS A 237 -10.05 -19.72 -8.23
CA LYS A 237 -9.39 -18.79 -9.17
C LYS A 237 -9.11 -19.55 -10.47
N LEU A 238 -8.68 -18.83 -11.47
CA LEU A 238 -8.58 -19.40 -12.83
C LEU A 238 -7.21 -20.03 -12.96
N PRO A 239 -7.17 -21.28 -13.41
CA PRO A 239 -5.90 -21.92 -13.68
C PRO A 239 -5.17 -21.20 -14.83
N GLY A 240 -3.86 -21.28 -14.78
CA GLY A 240 -3.02 -20.78 -15.88
C GLY A 240 -2.71 -19.31 -15.81
N THR A 241 -3.00 -18.65 -14.69
CA THR A 241 -2.59 -17.25 -14.44
C THR A 241 -1.08 -17.05 -14.57
N ASP A 242 -0.25 -17.94 -14.05
CA ASP A 242 1.23 -17.75 -14.10
C ASP A 242 1.68 -17.80 -15.56
N VAL A 243 1.15 -18.76 -16.32
CA VAL A 243 1.40 -18.85 -17.79
C VAL A 243 0.95 -17.56 -18.46
N ARG A 244 -0.28 -17.12 -18.22
CA ARG A 244 -0.83 -15.89 -18.83
C ARG A 244 0.10 -14.70 -18.48
N GLU A 245 0.56 -14.59 -17.23
CA GLU A 245 1.29 -13.37 -16.82
C GLU A 245 2.78 -13.50 -17.12
N GLY A 246 3.28 -14.70 -17.40
CA GLY A 246 4.70 -14.90 -17.72
C GLY A 246 5.51 -15.11 -16.48
N VAL A 247 4.91 -15.57 -15.38
CA VAL A 247 5.67 -15.82 -14.13
C VAL A 247 6.15 -17.27 -14.21
N HIS A 248 7.46 -17.52 -14.22
CA HIS A 248 8.01 -18.90 -14.33
C HIS A 248 8.15 -19.48 -12.91
N THR A 249 7.25 -20.35 -12.56
CA THR A 249 7.18 -21.00 -11.24
C THR A 249 7.98 -22.29 -11.30
N LEU A 250 8.10 -22.96 -10.18
CA LEU A 250 8.97 -24.15 -10.10
C LEU A 250 8.64 -25.23 -11.13
N PRO A 251 7.39 -25.67 -11.33
CA PRO A 251 7.10 -26.69 -12.35
C PRO A 251 7.50 -26.21 -13.75
N MET A 252 7.38 -24.92 -14.00
CA MET A 252 7.74 -24.36 -15.34
C MET A 252 9.25 -24.40 -15.53
N LEU A 253 9.99 -24.04 -14.50
CA LEU A 253 11.47 -24.01 -14.54
C LEU A 253 12.01 -25.42 -14.78
N TYR A 254 11.51 -26.42 -14.09
CA TYR A 254 11.99 -27.81 -14.31
C TYR A 254 11.48 -28.34 -15.66
N ALA A 255 10.26 -28.02 -16.06
CA ALA A 255 9.68 -28.45 -17.36
C ALA A 255 10.60 -27.97 -18.50
N LEU A 256 11.12 -26.76 -18.40
CA LEU A 256 11.90 -26.14 -19.50
C LEU A 256 13.35 -26.64 -19.51
N ARG A 257 13.79 -27.42 -18.52
CA ARG A 257 15.13 -28.05 -18.48
C ARG A 257 15.09 -29.43 -19.14
N GLU A 258 13.92 -29.94 -19.47
CA GLU A 258 13.80 -31.25 -20.16
C GLU A 258 14.28 -31.06 -21.61
N SER A 259 14.62 -32.15 -22.30
CA SER A 259 14.96 -32.10 -23.75
C SER A 259 13.75 -32.62 -24.53
N GLY A 260 13.61 -32.21 -25.78
CA GLY A 260 12.72 -32.86 -26.75
C GLY A 260 11.65 -31.91 -27.29
N PRO A 261 10.76 -32.44 -28.15
CA PRO A 261 9.78 -31.61 -28.82
C PRO A 261 8.71 -31.01 -27.89
N ASP A 262 8.29 -31.76 -26.86
CA ASP A 262 7.25 -31.28 -25.92
C ASP A 262 7.81 -30.08 -25.16
N CYS A 263 9.06 -30.16 -24.72
CA CYS A 263 9.77 -29.01 -24.11
C CYS A 263 9.86 -27.85 -25.11
N ALA A 264 10.18 -28.12 -26.39
CA ALA A 264 10.27 -27.08 -27.44
C ALA A 264 8.94 -26.37 -27.58
N ARG A 265 7.83 -27.11 -27.60
CA ARG A 265 6.48 -26.54 -27.74
C ARG A 265 6.21 -25.67 -26.51
N LEU A 266 6.51 -26.16 -25.30
CA LEU A 266 6.23 -25.39 -24.06
C LEU A 266 7.09 -24.11 -24.07
N ARG A 267 8.36 -24.23 -24.43
CA ARG A 267 9.31 -23.10 -24.53
C ARG A 267 8.76 -22.01 -25.45
N ALA A 268 8.20 -22.36 -26.60
CA ALA A 268 7.58 -21.38 -27.52
C ALA A 268 6.38 -20.70 -26.86
N LEU A 269 5.46 -21.48 -26.26
CA LEU A 269 4.27 -20.95 -25.54
C LEU A 269 4.70 -20.04 -24.39
N LEU A 270 5.79 -20.34 -23.68
CA LEU A 270 6.19 -19.63 -22.43
C LEU A 270 7.24 -18.55 -22.72
N ASN A 271 7.47 -18.22 -23.99
CA ASN A 271 8.53 -17.24 -24.36
C ASN A 271 8.19 -15.85 -23.80
N GLY A 272 6.91 -15.55 -23.63
CA GLY A 272 6.42 -14.35 -22.93
C GLY A 272 5.03 -14.60 -22.35
N PRO A 273 4.31 -13.56 -21.86
CA PRO A 273 2.92 -13.69 -21.43
C PRO A 273 2.12 -14.31 -22.59
N VAL A 274 1.07 -15.07 -22.26
CA VAL A 274 0.20 -15.82 -23.21
C VAL A 274 -1.22 -15.26 -23.09
N ASP A 275 -1.80 -14.60 -24.11
CA ASP A 275 -3.19 -14.08 -23.94
C ASP A 275 -4.22 -15.01 -24.58
N ASP A 276 -3.81 -15.95 -25.43
CA ASP A 276 -4.75 -16.86 -26.14
C ASP A 276 -5.20 -18.01 -25.21
N ASP A 277 -6.49 -18.19 -24.98
CA ASP A 277 -6.98 -19.18 -23.96
C ASP A 277 -6.59 -20.61 -24.37
N ALA A 278 -6.63 -20.92 -25.67
CA ALA A 278 -6.26 -22.26 -26.17
C ALA A 278 -4.77 -22.50 -25.93
N GLU A 279 -3.91 -21.49 -26.11
CA GLU A 279 -2.46 -21.63 -25.85
C GLU A 279 -2.21 -21.85 -24.34
N VAL A 280 -2.93 -21.14 -23.48
CA VAL A 280 -2.79 -21.30 -22.01
C VAL A 280 -3.17 -22.75 -21.66
N ARG A 281 -4.29 -23.26 -22.19
CA ARG A 281 -4.72 -24.65 -21.91
C ARG A 281 -3.65 -25.64 -22.40
N GLU A 282 -3.07 -25.40 -23.57
CA GLU A 282 -2.05 -26.30 -24.15
C GLU A 282 -0.83 -26.30 -23.23
N ALA A 283 -0.40 -25.14 -22.76
CA ALA A 283 0.76 -25.05 -21.86
C ALA A 283 0.46 -25.83 -20.58
N LEU A 284 -0.76 -25.69 -20.06
CA LEU A 284 -1.16 -26.38 -18.81
C LEU A 284 -1.11 -27.89 -19.06
N THR A 285 -1.58 -28.33 -20.21
CA THR A 285 -1.55 -29.77 -20.60
C THR A 285 -0.11 -30.25 -20.60
N LEU A 286 0.79 -29.52 -21.27
CA LEU A 286 2.22 -29.91 -21.33
C LEU A 286 2.84 -29.88 -19.93
N LEU A 287 2.58 -28.84 -19.14
CA LEU A 287 3.15 -28.76 -17.76
C LEU A 287 2.65 -29.93 -16.88
N ARG A 288 1.39 -30.32 -16.95
CA ARG A 288 0.86 -31.45 -16.16
C ARG A 288 1.58 -32.75 -16.53
N ALA A 289 1.97 -32.89 -17.78
CA ALA A 289 2.56 -34.12 -18.35
C ALA A 289 4.07 -34.11 -18.17
N SER A 290 4.67 -32.95 -17.91
CA SER A 290 6.15 -32.81 -17.92
C SER A 290 6.77 -33.53 -16.72
N PRO A 291 7.91 -34.24 -16.91
CA PRO A 291 8.71 -34.70 -15.77
C PRO A 291 9.13 -33.54 -14.85
N GLY A 292 9.17 -32.32 -15.39
CA GLY A 292 9.37 -31.08 -14.62
C GLY A 292 8.38 -30.97 -13.46
N MET A 293 7.15 -31.44 -13.65
CA MET A 293 6.12 -31.38 -12.60
C MET A 293 6.51 -32.34 -11.46
N ALA A 294 6.98 -33.53 -11.81
CA ALA A 294 7.52 -34.49 -10.82
C ALA A 294 8.66 -33.87 -10.03
N ARG A 295 9.57 -33.16 -10.72
CA ARG A 295 10.76 -32.55 -10.08
C ARG A 295 10.23 -31.49 -9.07
N ALA A 296 9.25 -30.69 -9.47
CA ALA A 296 8.67 -29.66 -8.57
C ALA A 296 8.02 -30.35 -7.36
N LYS A 297 7.34 -31.46 -7.57
CA LYS A 297 6.68 -32.18 -6.44
C LYS A 297 7.75 -32.79 -5.52
N ASP A 298 8.89 -33.17 -6.05
CA ASP A 298 10.00 -33.70 -5.22
C ASP A 298 10.50 -32.57 -4.31
N VAL A 299 10.56 -31.36 -4.84
CA VAL A 299 11.04 -30.21 -4.03
C VAL A 299 9.97 -29.90 -2.96
N LEU A 300 8.70 -29.90 -3.35
CA LEU A 300 7.57 -29.71 -2.40
C LEU A 300 7.74 -30.71 -1.25
N ALA A 301 8.02 -31.97 -1.56
CA ALA A 301 8.16 -33.04 -0.55
C ALA A 301 9.36 -32.76 0.37
N GLN A 302 10.46 -32.24 -0.17
CA GLN A 302 11.68 -31.89 0.59
C GLN A 302 11.32 -30.81 1.60
N TYR A 303 10.56 -29.78 1.18
CA TYR A 303 10.15 -28.68 2.10
C TYR A 303 9.16 -29.21 3.13
N ALA A 304 8.22 -30.07 2.78
CA ALA A 304 7.36 -30.76 3.78
C ALA A 304 8.26 -31.47 4.81
N ALA A 305 9.27 -32.22 4.37
CA ALA A 305 10.14 -32.98 5.29
C ALA A 305 10.90 -31.98 6.18
N GLN A 306 11.41 -30.89 5.60
CA GLN A 306 12.09 -29.86 6.40
C GLN A 306 11.11 -29.32 7.45
N ALA A 307 9.87 -29.02 7.08
CA ALA A 307 8.88 -28.48 8.03
C ALA A 307 8.65 -29.49 9.16
N ARG A 308 8.58 -30.78 8.84
CA ARG A 308 8.35 -31.83 9.86
C ARG A 308 9.53 -31.84 10.83
N HIS A 309 10.72 -31.64 10.32
CA HIS A 309 11.97 -31.57 11.13
C HIS A 309 11.90 -30.34 12.04
N GLU A 310 11.49 -29.20 11.51
CA GLU A 310 11.36 -27.92 12.26
C GLU A 310 10.38 -28.16 13.42
N LEU A 311 9.20 -28.67 13.11
CA LEU A 311 8.16 -28.71 14.15
C LEU A 311 8.51 -29.81 15.19
N ALA A 312 9.31 -30.83 14.84
CA ALA A 312 9.76 -31.85 15.81
C ALA A 312 10.56 -31.21 16.96
N LEU A 313 11.16 -30.05 16.76
CA LEU A 313 11.86 -29.37 17.86
C LEU A 313 10.88 -28.70 18.79
N LEU A 314 9.58 -28.61 18.46
CA LEU A 314 8.62 -27.96 19.41
C LEU A 314 8.25 -29.01 20.47
N PRO A 315 7.66 -28.58 21.61
CA PRO A 315 7.26 -29.55 22.62
C PRO A 315 6.23 -30.54 22.13
N ASP A 316 6.22 -31.72 22.76
CA ASP A 316 5.25 -32.78 22.42
C ASP A 316 3.92 -32.40 23.05
N VAL A 317 3.19 -31.52 22.38
CA VAL A 317 1.86 -30.99 22.81
C VAL A 317 0.93 -31.06 21.60
N PRO A 318 -0.40 -31.00 21.83
CA PRO A 318 -1.39 -31.09 20.75
C PRO A 318 -1.18 -30.09 19.60
N GLY A 319 -0.72 -28.89 19.93
CA GLY A 319 -0.37 -27.87 18.95
C GLY A 319 0.61 -28.42 17.95
N ARG A 320 1.58 -29.21 18.41
CA ARG A 320 2.65 -29.70 17.52
C ARG A 320 2.05 -30.67 16.51
N ARG A 321 1.21 -31.60 17.00
CA ARG A 321 0.51 -32.62 16.17
C ARG A 321 -0.39 -31.89 15.16
N ALA A 322 -1.11 -30.84 15.56
CA ALA A 322 -1.96 -30.04 14.64
C ALA A 322 -1.07 -29.31 13.63
N LEU A 323 0.06 -28.76 14.03
CA LEU A 323 1.00 -28.14 13.06
C LEU A 323 1.47 -29.19 12.04
N ALA A 324 1.67 -30.44 12.45
CA ALA A 324 2.06 -31.53 11.53
C ALA A 324 0.91 -31.75 10.54
N ALA A 325 -0.35 -31.78 11.02
CA ALA A 325 -1.51 -31.92 10.11
C ALA A 325 -1.54 -30.70 9.18
N LEU A 326 -1.11 -29.53 9.64
CA LEU A 326 -1.19 -28.32 8.78
C LEU A 326 -0.11 -28.42 7.69
N VAL A 327 1.06 -28.95 7.99
CA VAL A 327 2.13 -29.20 6.98
C VAL A 327 1.60 -30.16 5.90
N ASP A 328 0.99 -31.25 6.33
CA ASP A 328 0.42 -32.26 5.42
C ASP A 328 -0.62 -31.59 4.53
N TYR A 329 -1.49 -30.75 5.12
CA TYR A 329 -2.53 -30.00 4.37
C TYR A 329 -1.83 -29.08 3.35
N THR A 330 -0.78 -28.37 3.78
CA THR A 330 -0.07 -27.37 2.93
C THR A 330 0.27 -28.03 1.59
N VAL A 331 0.79 -29.26 1.66
CA VAL A 331 1.34 -29.92 0.44
C VAL A 331 0.32 -30.83 -0.20
N SER A 332 -0.75 -31.22 0.47
CA SER A 332 -1.73 -32.22 -0.04
C SER A 332 -2.95 -31.56 -0.65
N ARG A 333 -3.18 -30.27 -0.34
CA ARG A 333 -4.41 -29.56 -0.78
C ARG A 333 -4.45 -29.43 -2.31
N HIS A 334 -5.64 -29.25 -2.87
CA HIS A 334 -5.80 -28.92 -4.31
C HIS A 334 -6.47 -27.55 -4.54
N GLY A 335 -6.57 -26.57 -3.32
CA GLY A 335 -6.90 -25.11 -3.51
C GLY A 335 -6.36 -24.19 -2.38
N THR B 3 17.37 33.72 -6.61
CA THR B 3 16.57 33.08 -5.51
C THR B 3 17.01 33.65 -4.16
N PRO B 4 16.19 34.51 -3.54
CA PRO B 4 16.56 35.14 -2.28
C PRO B 4 16.97 34.15 -1.19
N ALA B 5 17.88 34.57 -0.33
CA ALA B 5 18.45 33.79 0.79
C ALA B 5 17.36 33.54 1.83
N THR B 6 16.28 34.33 1.85
CA THR B 6 15.17 34.18 2.83
C THR B 6 14.21 33.07 2.34
N VAL B 7 14.42 32.55 1.13
CA VAL B 7 13.48 31.59 0.47
C VAL B 7 13.94 30.14 0.72
N VAL B 8 13.02 29.33 1.21
CA VAL B 8 13.19 27.88 1.45
C VAL B 8 11.99 27.16 0.79
N ALA B 9 12.26 26.27 -0.16
CA ALA B 9 11.23 25.42 -0.82
C ALA B 9 10.10 26.32 -1.34
N GLY B 10 10.51 27.43 -1.94
CA GLY B 10 9.67 28.41 -2.68
C GLY B 10 9.02 29.45 -1.77
N VAL B 11 9.20 29.39 -0.46
CA VAL B 11 8.48 30.31 0.48
C VAL B 11 9.53 31.28 1.04
N ASP B 12 9.29 32.57 0.84
CA ASP B 12 10.04 33.65 1.52
C ASP B 12 9.77 33.58 3.03
N LEU B 13 10.75 33.20 3.85
CA LEU B 13 10.55 33.08 5.31
C LEU B 13 10.90 34.41 6.00
N GLY B 14 11.36 35.40 5.23
CA GLY B 14 11.48 36.80 5.67
C GLY B 14 12.79 37.15 6.38
N ASP B 15 13.55 36.17 6.91
CA ASP B 15 14.80 36.39 7.69
C ASP B 15 15.81 35.31 7.30
N ALA B 16 17.03 35.70 6.92
CA ALA B 16 18.07 34.80 6.35
C ALA B 16 18.56 33.77 7.39
N VAL B 17 18.67 34.14 8.68
CA VAL B 17 19.18 33.21 9.72
C VAL B 17 18.09 32.18 10.01
N PHE B 18 16.82 32.60 10.15
CA PHE B 18 15.64 31.71 10.36
C PHE B 18 15.47 30.74 9.17
N ALA B 19 15.57 31.29 7.97
CA ALA B 19 15.54 30.57 6.68
C ALA B 19 16.67 29.52 6.67
N ALA B 20 17.88 29.87 7.11
CA ALA B 20 19.02 28.94 7.06
C ALA B 20 18.73 27.76 7.99
N ALA B 21 18.15 28.04 9.16
CA ALA B 21 17.76 27.03 10.17
C ALA B 21 16.66 26.11 9.62
N VAL B 22 15.67 26.70 8.99
CA VAL B 22 14.54 25.92 8.40
C VAL B 22 15.07 25.09 7.24
N ARG B 23 15.91 25.69 6.40
CA ARG B 23 16.57 25.02 5.24
C ARG B 23 17.34 23.79 5.76
N ALA B 24 18.05 23.92 6.88
CA ALA B 24 18.86 22.84 7.50
C ALA B 24 17.92 21.77 8.02
N GLY B 25 16.81 22.16 8.65
CA GLY B 25 15.78 21.23 9.14
C GLY B 25 15.20 20.40 7.97
N VAL B 26 14.88 21.04 6.84
CA VAL B 26 14.34 20.36 5.61
C VAL B 26 15.42 19.44 5.03
N ALA B 27 16.70 19.86 5.05
CA ALA B 27 17.84 19.05 4.58
C ALA B 27 17.99 17.79 5.44
N ARG B 28 17.79 17.91 6.76
CA ARG B 28 17.93 16.74 7.67
C ARG B 28 16.86 15.71 7.33
N VAL B 29 15.65 16.17 7.04
CA VAL B 29 14.57 15.26 6.58
C VAL B 29 15.02 14.56 5.30
N GLU B 30 15.57 15.30 4.34
CA GLU B 30 15.98 14.75 3.03
C GLU B 30 17.02 13.65 3.25
N GLN B 31 17.97 13.90 4.16
CA GLN B 31 19.11 12.99 4.45
C GLN B 31 18.59 11.70 5.09
N LEU B 32 17.65 11.81 6.04
CA LEU B 32 17.05 10.64 6.70
C LEU B 32 16.28 9.84 5.64
N MET B 33 15.56 10.50 4.74
CA MET B 33 14.81 9.74 3.70
C MET B 33 15.79 9.06 2.75
N ASP B 34 16.75 9.82 2.23
CA ASP B 34 17.79 9.31 1.29
C ASP B 34 18.45 8.06 1.89
N THR B 35 18.74 8.08 3.18
CA THR B 35 19.40 6.97 3.90
C THR B 35 18.47 5.75 3.94
N GLU B 36 17.22 5.97 4.34
CA GLU B 36 16.21 4.88 4.47
C GLU B 36 15.91 4.28 3.09
N LEU B 37 15.82 5.07 2.03
CA LEU B 37 15.54 4.54 0.68
C LEU B 37 16.73 3.71 0.18
N ARG B 38 17.97 4.12 0.51
CA ARG B 38 19.20 3.44 0.02
C ARG B 38 19.52 2.20 0.89
N GLN B 39 18.82 2.00 2.01
CA GLN B 39 18.97 0.74 2.79
C GLN B 39 18.17 -0.40 2.13
N ALA B 40 17.29 -0.10 1.17
CA ALA B 40 16.44 -1.14 0.57
C ALA B 40 17.33 -2.05 -0.27
N ASP B 41 16.87 -3.28 -0.45
CA ASP B 41 17.44 -4.28 -1.36
C ASP B 41 17.71 -3.65 -2.74
N GLU B 42 18.75 -4.08 -3.42
CA GLU B 42 19.10 -3.56 -4.78
C GLU B 42 17.90 -3.73 -5.73
N VAL B 43 17.06 -4.76 -5.55
CA VAL B 43 15.91 -4.96 -6.47
C VAL B 43 14.87 -3.83 -6.33
N MET B 44 14.85 -3.12 -5.20
CA MET B 44 13.91 -2.03 -4.86
C MET B 44 14.50 -0.67 -5.25
N SER B 45 15.81 -0.54 -5.16
CA SER B 45 16.50 0.76 -5.10
C SER B 45 16.08 1.66 -6.27
N ASP B 46 16.20 1.20 -7.51
CA ASP B 46 16.01 2.11 -8.67
C ASP B 46 14.58 2.64 -8.70
N SER B 47 13.59 1.81 -8.39
CA SER B 47 12.17 2.23 -8.42
C SER B 47 11.95 3.23 -7.29
N LEU B 48 12.62 3.05 -6.14
CA LEU B 48 12.42 3.92 -4.94
C LEU B 48 13.07 5.28 -5.12
N LEU B 49 14.20 5.33 -5.80
CA LEU B 49 14.90 6.61 -6.07
C LEU B 49 14.23 7.38 -7.21
N HIS B 50 13.42 6.73 -8.04
CA HIS B 50 12.89 7.32 -9.29
C HIS B 50 12.20 8.65 -9.01
N LEU B 51 11.24 8.68 -8.09
CA LEU B 51 10.47 9.94 -7.87
C LEU B 51 11.23 10.85 -6.89
N PHE B 52 11.76 10.25 -5.86
CA PHE B 52 12.55 10.98 -4.84
C PHE B 52 13.60 11.89 -5.49
N ASN B 53 14.34 11.39 -6.47
CA ASN B 53 15.47 12.14 -7.06
C ASN B 53 14.95 13.06 -8.18
N ALA B 54 13.69 12.92 -8.64
CA ALA B 54 13.17 13.70 -9.80
C ALA B 54 12.91 15.16 -9.39
N GLY B 55 12.68 15.39 -8.11
CA GLY B 55 12.30 16.71 -7.58
C GLY B 55 11.19 16.59 -6.56
N GLY B 56 10.29 17.55 -6.55
CA GLY B 56 9.25 17.68 -5.52
C GLY B 56 9.52 18.89 -4.66
N LYS B 57 8.49 19.66 -4.32
CA LYS B 57 8.62 20.91 -3.53
C LYS B 57 9.01 20.65 -2.07
N ARG B 58 8.79 19.45 -1.53
CA ARG B 58 9.04 19.14 -0.09
C ARG B 58 8.22 20.10 0.77
N PHE B 59 7.01 20.38 0.27
CA PHE B 59 6.06 21.23 0.99
C PHE B 59 5.80 20.64 2.37
N ARG B 60 5.73 19.32 2.48
CA ARG B 60 5.26 18.68 3.73
C ARG B 60 6.40 18.68 4.77
N PRO B 61 7.66 18.34 4.41
CA PRO B 61 8.81 18.62 5.29
C PRO B 61 8.91 20.09 5.74
N LEU B 62 8.71 21.03 4.80
CA LEU B 62 8.68 22.48 5.15
C LEU B 62 7.58 22.75 6.16
N PHE B 63 6.37 22.24 5.96
CA PHE B 63 5.23 22.49 6.86
C PHE B 63 5.54 21.91 8.25
N THR B 64 6.11 20.71 8.29
CA THR B 64 6.48 20.03 9.56
C THR B 64 7.53 20.89 10.30
N VAL B 65 8.56 21.30 9.60
CA VAL B 65 9.70 22.05 10.20
C VAL B 65 9.19 23.43 10.68
N LEU B 66 8.34 24.11 9.90
CA LEU B 66 7.74 25.40 10.29
C LEU B 66 6.86 25.20 11.52
N SER B 67 6.05 24.14 11.55
CA SER B 67 5.20 23.80 12.72
C SER B 67 6.11 23.58 13.95
N ALA B 68 7.25 22.92 13.77
CA ALA B 68 8.20 22.66 14.88
C ALA B 68 8.87 23.96 15.36
N GLN B 69 8.84 25.04 14.56
CA GLN B 69 9.49 26.33 14.95
C GLN B 69 8.67 27.01 16.05
N ILE B 70 7.43 26.58 16.26
CA ILE B 70 6.55 27.10 17.32
C ILE B 70 6.98 26.53 18.68
N GLY B 71 7.51 25.30 18.73
CA GLY B 71 7.95 24.67 19.98
C GLY B 71 9.37 25.09 20.37
N PRO B 72 9.80 24.83 21.64
CA PRO B 72 11.14 25.17 22.11
C PRO B 72 12.29 24.29 21.60
N GLN B 73 12.00 23.11 20.98
CA GLN B 73 13.06 22.27 20.35
C GLN B 73 12.68 21.95 18.90
N PRO B 74 12.75 22.93 17.98
CA PRO B 74 12.48 22.73 16.56
C PRO B 74 13.48 21.83 15.83
N ASP B 75 14.69 21.67 16.39
CA ASP B 75 15.77 20.87 15.75
C ASP B 75 15.85 19.50 16.39
N ALA B 76 14.89 19.14 17.24
CA ALA B 76 14.78 17.82 17.89
C ALA B 76 14.94 16.75 16.79
N ALA B 77 15.62 15.66 17.11
CA ALA B 77 15.80 14.53 16.17
C ALA B 77 14.40 14.06 15.71
N ALA B 78 13.43 14.07 16.62
CA ALA B 78 12.09 13.48 16.42
C ALA B 78 11.31 14.28 15.35
N VAL B 79 11.60 15.57 15.21
CA VAL B 79 10.96 16.43 14.18
C VAL B 79 11.43 15.97 12.80
N THR B 80 12.71 15.66 12.68
CA THR B 80 13.32 15.14 11.43
C THR B 80 12.61 13.82 11.07
N VAL B 81 12.37 12.96 12.06
CA VAL B 81 11.71 11.63 11.85
C VAL B 81 10.28 11.91 11.39
N ALA B 82 9.56 12.80 12.07
CA ALA B 82 8.17 13.19 11.68
C ALA B 82 8.12 13.67 10.22
N GLY B 83 9.04 14.55 9.82
CA GLY B 83 9.14 15.12 8.46
C GLY B 83 9.27 14.00 7.44
N ALA B 84 10.12 13.05 7.78
CA ALA B 84 10.49 11.93 6.88
C ALA B 84 9.30 10.99 6.76
N VAL B 85 8.58 10.79 7.86
CA VAL B 85 7.39 9.90 7.86
C VAL B 85 6.31 10.50 6.92
N ILE B 86 6.01 11.79 7.11
CA ILE B 86 5.00 12.51 6.30
C ILE B 86 5.38 12.43 4.82
N GLU B 87 6.62 12.77 4.47
CA GLU B 87 7.09 12.82 3.06
C GLU B 87 7.14 11.39 2.48
N MET B 88 7.46 10.39 3.30
CA MET B 88 7.46 9.00 2.83
C MET B 88 6.04 8.62 2.44
N ILE B 89 5.05 8.99 3.25
CA ILE B 89 3.63 8.66 2.95
C ILE B 89 3.25 9.42 1.69
N HIS B 90 3.57 10.69 1.63
CA HIS B 90 3.27 11.51 0.45
C HIS B 90 3.85 10.80 -0.79
N LEU B 91 5.14 10.46 -0.76
CA LEU B 91 5.81 9.81 -1.90
C LEU B 91 5.08 8.49 -2.27
N ALA B 92 4.77 7.64 -1.29
CA ALA B 92 3.99 6.40 -1.52
C ALA B 92 2.69 6.70 -2.30
N THR B 93 1.98 7.77 -1.93
CA THR B 93 0.70 8.13 -2.56
C THR B 93 0.92 8.60 -3.99
N LEU B 94 2.04 9.23 -4.30
CA LEU B 94 2.31 9.63 -5.70
C LEU B 94 2.44 8.35 -6.55
N TYR B 95 3.22 7.38 -6.08
CA TYR B 95 3.37 6.10 -6.82
C TYR B 95 1.99 5.57 -7.13
N HIS B 96 1.09 5.45 -6.14
CA HIS B 96 -0.23 4.80 -6.40
C HIS B 96 -1.09 5.75 -7.26
N ASP B 97 -1.04 7.04 -6.95
CA ASP B 97 -1.91 8.04 -7.61
C ASP B 97 -1.56 8.09 -9.10
N ASP B 98 -0.29 8.05 -9.46
CA ASP B 98 0.12 8.10 -10.89
C ASP B 98 -0.33 6.82 -11.62
N VAL B 99 -0.34 5.68 -10.96
CA VAL B 99 -0.91 4.45 -11.56
C VAL B 99 -2.40 4.72 -11.81
N MET B 100 -3.10 5.20 -10.79
CA MET B 100 -4.58 5.32 -10.82
C MET B 100 -5.00 6.38 -11.86
N ASP B 101 -4.18 7.43 -12.05
CA ASP B 101 -4.52 8.54 -12.95
C ASP B 101 -3.86 8.30 -14.31
N GLU B 102 -3.21 7.14 -14.52
CA GLU B 102 -2.49 6.80 -15.77
C GLU B 102 -1.53 7.94 -16.14
N ALA B 103 -0.86 8.51 -15.14
CA ALA B 103 0.08 9.65 -15.38
C ALA B 103 1.33 9.10 -16.06
N GLN B 104 1.82 9.80 -17.09
CA GLN B 104 3.04 9.41 -17.83
C GLN B 104 4.19 10.31 -17.35
N VAL B 105 3.89 11.42 -16.67
CA VAL B 105 4.90 12.43 -16.28
C VAL B 105 4.64 12.87 -14.83
N ARG B 106 5.70 12.96 -14.04
CA ARG B 106 5.66 13.39 -12.63
C ARG B 106 6.96 14.13 -12.35
N ARG B 107 6.88 15.31 -11.75
CA ARG B 107 8.09 16.12 -11.41
C ARG B 107 8.98 16.29 -12.66
N GLY B 108 8.39 16.45 -13.84
CA GLY B 108 9.11 16.83 -15.08
C GLY B 108 9.88 15.67 -15.70
N ALA B 109 9.64 14.46 -15.23
CA ALA B 109 10.27 13.24 -15.76
C ALA B 109 9.19 12.17 -15.92
N PRO B 110 9.52 11.06 -16.60
CA PRO B 110 8.59 9.95 -16.73
C PRO B 110 8.13 9.54 -15.34
N SER B 111 6.83 9.29 -15.21
CA SER B 111 6.26 8.72 -13.97
C SER B 111 6.94 7.39 -13.68
N ALA B 112 6.84 6.95 -12.44
CA ALA B 112 7.36 5.64 -12.02
C ALA B 112 6.70 4.55 -12.87
N ASN B 113 5.40 4.67 -13.14
CA ASN B 113 4.67 3.64 -13.92
C ASN B 113 5.05 3.73 -15.41
N ALA B 114 5.37 4.90 -15.95
CA ALA B 114 5.78 4.99 -17.37
C ALA B 114 7.12 4.28 -17.57
N GLN B 115 8.05 4.43 -16.65
CA GLN B 115 9.41 3.88 -16.79
C GLN B 115 9.41 2.42 -16.30
N TRP B 116 8.73 2.08 -15.21
CA TRP B 116 8.92 0.76 -14.53
C TRP B 116 7.69 -0.14 -14.69
N GLY B 117 6.58 0.40 -15.17
CA GLY B 117 5.28 -0.31 -15.23
C GLY B 117 4.47 -0.19 -13.95
N ASN B 118 3.18 -0.50 -14.05
CA ASN B 118 2.23 -0.34 -12.92
C ASN B 118 2.68 -1.26 -11.79
N ASN B 119 3.09 -2.48 -12.08
CA ASN B 119 3.38 -3.46 -10.97
C ASN B 119 4.51 -2.92 -10.09
N VAL B 120 5.60 -2.48 -10.69
CA VAL B 120 6.77 -1.95 -9.93
C VAL B 120 6.29 -0.70 -9.16
N ALA B 121 5.53 0.19 -9.80
CA ALA B 121 5.01 1.42 -9.17
C ALA B 121 4.14 1.06 -7.96
N ILE B 122 3.20 0.12 -8.09
CA ILE B 122 2.32 -0.33 -6.95
C ILE B 122 3.23 -0.83 -5.82
N LEU B 123 4.19 -1.68 -6.13
CA LEU B 123 5.06 -2.28 -5.07
C LEU B 123 6.01 -1.24 -4.45
N ALA B 124 6.53 -0.31 -5.23
CA ALA B 124 7.39 0.78 -4.70
C ALA B 124 6.57 1.54 -3.67
N GLY B 125 5.33 1.90 -4.00
CA GLY B 125 4.42 2.60 -3.06
C GLY B 125 4.16 1.78 -1.80
N ASP B 126 3.96 0.48 -1.94
CA ASP B 126 3.70 -0.41 -0.77
C ASP B 126 4.98 -0.44 0.07
N TYR B 127 6.16 -0.52 -0.54
CA TYR B 127 7.42 -0.57 0.24
C TYR B 127 7.56 0.73 1.04
N LEU B 128 7.28 1.86 0.42
CA LEU B 128 7.38 3.18 1.12
C LEU B 128 6.44 3.21 2.32
N LEU B 129 5.25 2.64 2.21
CA LEU B 129 4.30 2.60 3.34
C LEU B 129 4.90 1.72 4.44
N ALA B 130 5.52 0.57 4.13
CA ALA B 130 6.23 -0.25 5.15
C ALA B 130 7.32 0.57 5.84
N THR B 131 8.05 1.34 5.06
CA THR B 131 9.20 2.16 5.51
C THR B 131 8.70 3.24 6.46
N ALA B 132 7.61 3.91 6.06
CA ALA B 132 6.97 4.97 6.86
C ALA B 132 6.56 4.37 8.22
N SER B 133 5.98 3.16 8.19
CA SER B 133 5.49 2.41 9.38
C SER B 133 6.65 2.11 10.34
N ARG B 134 7.78 1.63 9.85
CA ARG B 134 8.98 1.34 10.66
C ARG B 134 9.50 2.66 11.27
N LEU B 135 9.55 3.72 10.48
CA LEU B 135 10.11 5.03 10.90
C LEU B 135 9.24 5.62 12.01
N VAL B 136 7.93 5.69 11.82
CA VAL B 136 7.01 6.37 12.78
C VAL B 136 7.03 5.60 14.11
N ALA B 137 7.30 4.29 14.09
CA ALA B 137 7.44 3.47 15.30
C ALA B 137 8.45 4.14 16.25
N ARG B 138 9.51 4.76 15.72
CA ARG B 138 10.55 5.48 16.52
C ARG B 138 9.93 6.56 17.41
N LEU B 139 8.83 7.16 16.99
CA LEU B 139 8.21 8.32 17.67
C LEU B 139 7.25 7.91 18.79
N GLY B 140 6.89 6.64 18.91
CA GLY B 140 6.00 6.21 20.00
C GLY B 140 4.57 5.93 19.52
N PRO B 141 3.77 5.29 20.40
CA PRO B 141 2.45 4.79 20.01
C PRO B 141 1.44 5.85 19.58
N GLU B 142 1.48 7.04 20.19
CA GLU B 142 0.52 8.11 19.81
C GLU B 142 0.78 8.46 18.33
N ALA B 143 2.03 8.69 17.93
CA ALA B 143 2.39 9.02 16.54
C ALA B 143 2.01 7.86 15.61
N VAL B 144 2.23 6.61 16.03
CA VAL B 144 1.83 5.41 15.21
C VAL B 144 0.35 5.49 14.90
N ARG B 145 -0.49 5.75 15.92
CA ARG B 145 -1.96 5.81 15.77
C ARG B 145 -2.32 6.99 14.88
N ILE B 146 -1.70 8.15 15.07
CA ILE B 146 -2.00 9.35 14.24
C ILE B 146 -1.74 8.99 12.77
N ILE B 147 -0.61 8.35 12.47
CA ILE B 147 -0.21 8.10 11.06
C ILE B 147 -1.14 7.02 10.44
N ALA B 148 -1.49 5.97 11.20
CA ALA B 148 -2.43 4.95 10.71
C ALA B 148 -3.78 5.61 10.41
N ASP B 149 -4.26 6.46 11.28
CA ASP B 149 -5.58 7.11 11.12
C ASP B 149 -5.52 8.04 9.91
N THR B 150 -4.43 8.76 9.80
CA THR B 150 -4.15 9.75 8.74
C THR B 150 -4.16 9.03 7.38
N PHE B 151 -3.48 7.91 7.29
CA PHE B 151 -3.42 7.17 6.02
C PHE B 151 -4.81 6.60 5.69
N ALA B 152 -5.57 6.06 6.66
CA ALA B 152 -6.96 5.61 6.45
C ALA B 152 -7.77 6.77 5.87
N GLN B 153 -7.66 7.99 6.43
CA GLN B 153 -8.41 9.15 5.92
C GLN B 153 -8.00 9.46 4.47
N LEU B 154 -6.70 9.51 4.21
CA LEU B 154 -6.14 9.86 2.88
C LEU B 154 -6.73 8.88 1.85
N VAL B 155 -6.71 7.59 2.17
CA VAL B 155 -7.23 6.57 1.25
C VAL B 155 -8.74 6.72 1.09
N THR B 156 -9.45 7.04 2.17
CA THR B 156 -10.91 7.28 2.11
C THR B 156 -11.18 8.38 1.08
N GLY B 157 -10.38 9.45 1.08
CA GLY B 157 -10.53 10.55 0.12
C GLY B 157 -10.33 10.07 -1.31
N GLN B 158 -9.24 9.37 -1.55
CA GLN B 158 -8.94 8.78 -2.87
C GLN B 158 -10.11 7.92 -3.34
N MET B 159 -10.70 7.12 -2.43
CA MET B 159 -11.77 6.16 -2.75
C MET B 159 -13.04 6.96 -3.04
N ARG B 160 -13.33 7.95 -2.21
CA ARG B 160 -14.49 8.83 -2.38
C ARG B 160 -14.43 9.48 -3.75
N GLU B 161 -13.25 9.96 -4.13
CA GLU B 161 -13.06 10.55 -5.46
C GLU B 161 -13.35 9.53 -6.59
N THR B 162 -12.88 8.30 -6.49
CA THR B 162 -13.02 7.30 -7.60
C THR B 162 -14.48 6.88 -7.73
N ARG B 163 -15.18 6.68 -6.61
CA ARG B 163 -16.60 6.26 -6.63
C ARG B 163 -17.38 7.42 -7.27
N GLY B 164 -17.12 8.63 -6.81
CA GLY B 164 -17.46 9.83 -7.61
C GLY B 164 -16.86 9.72 -8.99
N ASP B 170 -21.17 14.80 -10.10
CA ASP B 170 -20.77 16.22 -9.89
C ASP B 170 -21.45 16.81 -8.62
N SER B 171 -20.83 16.77 -7.42
CA SER B 171 -21.26 17.43 -6.14
C SER B 171 -20.08 18.17 -5.54
N ILE B 172 -20.34 19.44 -5.18
CA ILE B 172 -19.40 20.37 -4.51
C ILE B 172 -19.12 19.85 -3.09
N GLU B 173 -20.16 19.45 -2.36
CA GLU B 173 -19.95 19.02 -0.95
C GLU B 173 -19.08 17.77 -0.95
N GLN B 174 -19.31 16.84 -1.87
CA GLN B 174 -18.53 15.58 -1.94
C GLN B 174 -17.07 15.96 -2.26
N TYR B 175 -16.87 16.88 -3.19
CA TYR B 175 -15.53 17.30 -3.61
C TYR B 175 -14.81 17.88 -2.39
N LEU B 176 -15.48 18.74 -1.63
CA LEU B 176 -14.81 19.35 -0.46
C LEU B 176 -14.46 18.26 0.55
N LYS B 177 -15.28 17.22 0.70
CA LYS B 177 -14.92 16.14 1.67
C LYS B 177 -13.72 15.35 1.12
N VAL B 178 -13.74 15.06 -0.18
CA VAL B 178 -12.60 14.40 -0.88
C VAL B 178 -11.31 15.13 -0.57
N VAL B 179 -11.23 16.44 -0.82
CA VAL B 179 -9.91 17.12 -0.77
C VAL B 179 -9.46 17.26 0.70
N GLN B 180 -10.39 17.48 1.65
CA GLN B 180 -10.04 17.50 3.08
C GLN B 180 -9.41 16.15 3.45
N GLU B 181 -10.01 15.05 3.01
CA GLU B 181 -9.51 13.67 3.28
C GLU B 181 -8.20 13.40 2.56
N LYS B 182 -8.13 13.54 1.24
CA LYS B 182 -6.99 12.99 0.48
C LYS B 182 -5.77 13.89 0.62
N THR B 183 -5.95 15.18 0.94
CA THR B 183 -4.83 16.16 1.01
C THR B 183 -4.74 16.88 2.36
N GLY B 184 -5.84 17.30 2.96
CA GLY B 184 -5.84 17.93 4.29
C GLY B 184 -5.28 17.01 5.35
N SER B 185 -5.73 15.75 5.41
CA SER B 185 -5.40 14.86 6.56
C SER B 185 -3.90 14.81 6.77
N LEU B 186 -3.11 14.65 5.71
CA LEU B 186 -1.66 14.41 5.81
C LEU B 186 -0.94 15.71 6.24
N ILE B 187 -1.39 16.85 5.75
CA ILE B 187 -0.77 18.14 6.15
C ILE B 187 -1.21 18.50 7.58
N GLY B 188 -2.42 18.13 7.95
CA GLY B 188 -2.87 18.19 9.36
C GLY B 188 -1.93 17.40 10.26
N ALA B 189 -1.62 16.16 9.89
CA ALA B 189 -0.71 15.26 10.64
C ALA B 189 0.68 15.91 10.76
N ALA B 190 1.20 16.51 9.68
CA ALA B 190 2.51 17.18 9.67
C ALA B 190 2.51 18.26 10.78
N GLY B 191 1.44 19.03 10.88
CA GLY B 191 1.31 20.10 11.89
C GLY B 191 1.25 19.50 13.27
N ARG B 192 0.44 18.48 13.45
CA ARG B 192 0.28 17.79 14.75
C ARG B 192 1.63 17.25 15.19
N LEU B 193 2.34 16.53 14.31
CA LEU B 193 3.64 15.89 14.65
C LEU B 193 4.73 16.93 14.84
N GLY B 194 4.80 17.96 14.00
CA GLY B 194 5.79 19.04 14.17
C GLY B 194 5.64 19.74 15.52
N GLY B 195 4.42 20.03 15.89
CA GLY B 195 4.05 20.54 17.22
C GLY B 195 4.49 19.58 18.32
N MET B 196 4.09 18.30 18.25
CA MET B 196 4.34 17.33 19.35
C MET B 196 5.84 17.25 19.59
N PHE B 197 6.66 17.05 18.56
CA PHE B 197 8.06 16.57 18.71
C PHE B 197 9.03 17.74 18.87
N SER B 198 8.54 18.97 18.69
CA SER B 198 9.26 20.23 18.97
C SER B 198 9.04 20.63 20.43
N GLY B 199 8.06 20.00 21.08
CA GLY B 199 7.70 20.26 22.49
C GLY B 199 6.69 21.38 22.63
N ALA B 200 6.00 21.74 21.55
CA ALA B 200 4.96 22.78 21.55
C ALA B 200 3.88 22.40 22.54
N THR B 201 3.09 23.38 23.01
CA THR B 201 1.98 23.15 23.98
C THR B 201 0.90 22.31 23.31
N ASP B 202 0.05 21.66 24.12
CA ASP B 202 -1.13 20.89 23.65
C ASP B 202 -1.98 21.78 22.77
N GLU B 203 -2.18 23.04 23.17
CA GLU B 203 -3.03 24.00 22.41
C GLU B 203 -2.38 24.29 21.04
N GLN B 204 -1.09 24.58 20.99
CA GLN B 204 -0.32 24.84 19.74
C GLN B 204 -0.37 23.61 18.83
N VAL B 205 -0.34 22.40 19.43
CA VAL B 205 -0.38 21.11 18.68
C VAL B 205 -1.74 21.02 17.95
N GLU B 206 -2.85 21.21 18.64
CA GLU B 206 -4.21 21.17 18.03
C GLU B 206 -4.37 22.29 17.01
N ARG B 207 -3.83 23.47 17.28
CA ARG B 207 -3.98 24.62 16.35
C ARG B 207 -3.18 24.30 15.07
N LEU B 208 -1.98 23.71 15.19
CA LEU B 208 -1.15 23.39 14.02
C LEU B 208 -1.79 22.28 13.18
N SER B 209 -2.45 21.31 13.83
CA SER B 209 -3.22 20.23 13.16
C SER B 209 -4.39 20.83 12.38
N ARG B 210 -5.14 21.76 12.97
CA ARG B 210 -6.31 22.37 12.29
C ARG B 210 -5.78 23.17 11.09
N LEU B 211 -4.73 23.97 11.33
CA LEU B 211 -4.07 24.78 10.27
C LEU B 211 -3.66 23.86 9.08
N GLY B 212 -2.90 22.81 9.38
CA GLY B 212 -2.50 21.79 8.39
C GLY B 212 -3.69 21.33 7.56
N GLY B 213 -4.79 20.93 8.20
CA GLY B 213 -5.99 20.44 7.50
C GLY B 213 -6.52 21.46 6.50
N VAL B 214 -6.60 22.72 6.94
CA VAL B 214 -7.11 23.81 6.07
C VAL B 214 -6.09 24.09 4.95
N VAL B 215 -4.81 24.14 5.29
CA VAL B 215 -3.73 24.37 4.31
C VAL B 215 -3.81 23.25 3.26
N GLY B 216 -3.99 22.01 3.70
CA GLY B 216 -4.06 20.86 2.77
C GLY B 216 -5.25 20.97 1.84
N THR B 217 -6.41 21.38 2.35
CA THR B 217 -7.60 21.62 1.54
C THR B 217 -7.28 22.67 0.46
N ALA B 218 -6.70 23.80 0.87
CA ALA B 218 -6.30 24.91 -0.02
C ALA B 218 -5.31 24.36 -1.03
N PHE B 219 -4.34 23.57 -0.56
CA PHE B 219 -3.28 23.01 -1.41
C PHE B 219 -3.90 22.22 -2.56
N GLN B 220 -4.88 21.37 -2.28
CA GLN B 220 -5.55 20.55 -3.32
C GLN B 220 -6.38 21.41 -4.28
N ILE B 221 -7.07 22.42 -3.79
CA ILE B 221 -7.84 23.32 -4.69
C ILE B 221 -6.85 23.99 -5.64
N ALA B 222 -5.69 24.42 -5.15
CA ALA B 222 -4.66 25.06 -6.00
C ALA B 222 -4.12 24.03 -7.00
N ASP B 223 -3.96 22.79 -6.55
CA ASP B 223 -3.51 21.68 -7.43
C ASP B 223 -4.52 21.52 -8.57
N ASP B 224 -5.81 21.58 -8.28
CA ASP B 224 -6.88 21.37 -9.28
C ASP B 224 -6.89 22.56 -10.26
N ILE B 225 -6.62 23.76 -9.77
CA ILE B 225 -6.45 24.96 -10.63
C ILE B 225 -5.22 24.84 -11.51
N ILE B 226 -4.08 24.44 -10.94
CA ILE B 226 -2.82 24.16 -11.65
C ILE B 226 -3.07 23.16 -12.75
N ASP B 227 -3.90 22.14 -12.51
CA ASP B 227 -4.22 21.13 -13.56
C ASP B 227 -4.70 21.83 -14.84
N ILE B 228 -5.42 22.96 -14.71
CA ILE B 228 -6.01 23.69 -15.87
C ILE B 228 -5.11 24.85 -16.31
N ASP B 229 -4.60 25.64 -15.37
CA ASP B 229 -3.98 26.94 -15.69
C ASP B 229 -2.50 26.79 -15.97
N SER B 230 -1.84 25.77 -15.43
CA SER B 230 -0.37 25.64 -15.55
C SER B 230 -0.02 24.83 -16.79
N GLU B 231 1.16 25.07 -17.36
CA GLU B 231 1.76 24.22 -18.41
C GLU B 231 2.72 23.25 -17.70
N SER B 232 3.11 22.14 -18.35
CA SER B 232 3.94 21.09 -17.71
C SER B 232 5.31 21.66 -17.28
N ASP B 233 5.81 22.69 -17.97
CA ASP B 233 7.06 23.38 -17.59
C ASP B 233 6.95 23.84 -16.13
N GLU B 234 5.80 24.35 -15.69
CA GLU B 234 5.69 24.82 -14.30
C GLU B 234 5.22 23.69 -13.37
N SER B 235 4.28 22.85 -13.80
CA SER B 235 3.63 21.85 -12.90
C SER B 235 4.48 20.58 -12.79
N GLY B 236 5.31 20.28 -13.81
CA GLY B 236 6.03 19.00 -13.89
C GLY B 236 5.14 17.82 -14.30
N LYS B 237 3.90 18.06 -14.75
CA LYS B 237 2.95 16.98 -15.10
C LYS B 237 1.99 17.50 -16.16
N LEU B 238 1.20 16.63 -16.74
CA LEU B 238 0.41 16.99 -17.95
C LEU B 238 -0.81 17.78 -17.53
N PRO B 239 -1.01 18.99 -18.07
CA PRO B 239 -2.25 19.73 -17.83
C PRO B 239 -3.46 18.96 -18.39
N GLY B 240 -4.60 19.12 -17.76
CA GLY B 240 -5.83 18.47 -18.22
C GLY B 240 -5.87 16.98 -17.91
N THR B 241 -5.06 16.52 -16.97
CA THR B 241 -5.10 15.13 -16.47
C THR B 241 -6.48 14.86 -15.87
N ASP B 242 -7.05 15.80 -15.10
CA ASP B 242 -8.40 15.60 -14.48
C ASP B 242 -9.47 15.48 -15.58
N VAL B 243 -9.41 16.31 -16.61
CA VAL B 243 -10.31 16.18 -17.79
C VAL B 243 -10.14 14.78 -18.39
N ARG B 244 -8.89 14.39 -18.65
CA ARG B 244 -8.54 13.13 -19.33
C ARG B 244 -9.10 11.95 -18.53
N GLU B 245 -8.95 11.98 -17.21
CA GLU B 245 -9.33 10.84 -16.35
C GLU B 245 -10.79 10.92 -15.94
N GLY B 246 -11.50 12.03 -16.22
CA GLY B 246 -12.90 12.23 -15.80
C GLY B 246 -13.05 12.55 -14.34
N VAL B 247 -12.02 13.11 -13.69
CA VAL B 247 -12.10 13.61 -12.29
C VAL B 247 -12.56 15.05 -12.37
N HIS B 248 -13.73 15.32 -11.80
CA HIS B 248 -14.32 16.67 -11.86
C HIS B 248 -13.99 17.40 -10.57
N THR B 249 -12.98 18.25 -10.65
CA THR B 249 -12.50 19.11 -9.55
C THR B 249 -13.33 20.40 -9.43
N LEU B 250 -13.03 21.23 -8.43
CA LEU B 250 -13.90 22.39 -8.12
C LEU B 250 -14.01 23.33 -9.32
N PRO B 251 -12.93 23.75 -10.02
CA PRO B 251 -13.08 24.64 -11.17
C PRO B 251 -13.98 24.02 -12.27
N MET B 252 -13.87 22.71 -12.45
CA MET B 252 -14.62 21.97 -13.50
C MET B 252 -16.10 21.87 -13.06
N LEU B 253 -16.34 21.57 -11.79
CA LEU B 253 -17.73 21.52 -11.26
C LEU B 253 -18.38 22.89 -11.42
N TYR B 254 -17.70 23.98 -11.08
CA TYR B 254 -18.29 25.33 -11.24
C TYR B 254 -18.47 25.65 -12.73
N ALA B 255 -17.49 25.33 -13.60
CA ALA B 255 -17.62 25.53 -15.07
C ALA B 255 -18.86 24.78 -15.57
N LEU B 256 -19.06 23.57 -15.05
CA LEU B 256 -20.20 22.72 -15.46
C LEU B 256 -21.54 23.26 -14.94
N ARG B 257 -21.55 24.20 -13.99
CA ARG B 257 -22.81 24.84 -13.51
C ARG B 257 -23.10 26.16 -14.24
N GLU B 258 -22.26 26.55 -15.18
CA GLU B 258 -22.41 27.79 -15.97
C GLU B 258 -23.36 27.57 -17.17
N SER B 259 -23.95 28.65 -17.63
CA SER B 259 -24.66 28.69 -18.92
C SER B 259 -23.87 29.67 -19.83
N GLY B 260 -23.70 29.37 -21.10
CA GLY B 260 -22.72 30.07 -21.95
C GLY B 260 -22.82 29.50 -23.34
N PRO B 261 -22.34 30.24 -24.37
CA PRO B 261 -22.43 29.74 -25.74
C PRO B 261 -21.60 28.47 -25.92
N ASP B 262 -20.58 28.23 -25.07
CA ASP B 262 -19.75 27.00 -25.15
C ASP B 262 -20.10 26.00 -24.05
N CYS B 263 -21.11 26.22 -23.23
N CYS B 263 -21.15 26.26 -23.26
CA CYS B 263 -21.32 25.35 -22.06
CA CYS B 263 -21.46 25.46 -22.05
C CYS B 263 -21.85 23.98 -22.48
C CYS B 263 -21.90 24.05 -22.45
N ALA B 264 -22.69 23.89 -23.53
CA ALA B 264 -23.13 22.55 -24.01
C ALA B 264 -21.90 21.78 -24.47
N ARG B 265 -20.98 22.45 -25.17
CA ARG B 265 -19.77 21.77 -25.66
C ARG B 265 -18.94 21.27 -24.48
N LEU B 266 -18.76 22.07 -23.44
CA LEU B 266 -17.92 21.65 -22.28
C LEU B 266 -18.64 20.50 -21.57
N ARG B 267 -19.97 20.54 -21.46
CA ARG B 267 -20.72 19.44 -20.80
C ARG B 267 -20.48 18.14 -21.57
N ALA B 268 -20.47 18.21 -22.91
CA ALA B 268 -20.26 17.05 -23.80
C ALA B 268 -18.83 16.55 -23.61
N LEU B 269 -17.84 17.45 -23.59
CA LEU B 269 -16.42 17.03 -23.47
C LEU B 269 -16.22 16.36 -22.12
N LEU B 270 -16.82 16.88 -21.04
CA LEU B 270 -16.46 16.40 -19.68
C LEU B 270 -17.39 15.26 -19.26
N ASN B 271 -18.23 14.78 -20.16
CA ASN B 271 -19.21 13.73 -19.81
C ASN B 271 -18.43 12.41 -19.85
N GLY B 272 -17.57 12.17 -18.88
CA GLY B 272 -16.71 10.99 -18.89
C GLY B 272 -15.26 11.32 -19.26
N PRO B 273 -14.39 10.29 -19.18
CA PRO B 273 -12.98 10.42 -19.52
C PRO B 273 -12.78 10.84 -20.98
N VAL B 274 -11.67 11.51 -21.23
CA VAL B 274 -11.36 12.13 -22.55
C VAL B 274 -10.02 11.57 -23.01
N ASP B 275 -10.03 10.59 -23.92
CA ASP B 275 -8.78 9.90 -24.36
C ASP B 275 -8.18 10.61 -25.58
N ASP B 276 -8.84 11.63 -26.12
CA ASP B 276 -8.31 12.39 -27.29
C ASP B 276 -7.56 13.61 -26.76
N ASP B 277 -6.25 13.74 -27.01
CA ASP B 277 -5.48 14.87 -26.41
C ASP B 277 -6.00 16.19 -26.95
N ALA B 278 -6.45 16.27 -28.20
CA ALA B 278 -6.96 17.56 -28.77
C ALA B 278 -8.25 17.97 -28.04
N GLU B 279 -9.09 17.00 -27.71
CA GLU B 279 -10.31 17.29 -26.91
C GLU B 279 -9.92 17.75 -25.50
N VAL B 280 -8.88 17.16 -24.90
CA VAL B 280 -8.38 17.64 -23.57
C VAL B 280 -7.98 19.11 -23.73
N ARG B 281 -7.20 19.40 -24.76
CA ARG B 281 -6.71 20.79 -24.98
C ARG B 281 -7.93 21.70 -25.18
N GLU B 282 -8.95 21.25 -25.92
CA GLU B 282 -10.15 22.09 -26.14
C GLU B 282 -10.85 22.34 -24.81
N ALA B 283 -10.96 21.30 -23.97
CA ALA B 283 -11.60 21.42 -22.64
C ALA B 283 -10.81 22.40 -21.80
N LEU B 284 -9.47 22.38 -21.85
CA LEU B 284 -8.62 23.37 -21.10
C LEU B 284 -8.90 24.81 -21.54
N THR B 285 -8.98 25.03 -22.85
CA THR B 285 -9.33 26.36 -23.41
C THR B 285 -10.64 26.82 -22.80
N LEU B 286 -11.68 25.98 -22.84
CA LEU B 286 -13.02 26.37 -22.33
C LEU B 286 -12.93 26.59 -20.81
N LEU B 287 -12.28 25.70 -20.05
CA LEU B 287 -12.19 25.80 -18.58
C LEU B 287 -11.42 27.07 -18.20
N ARG B 288 -10.31 27.38 -18.91
CA ARG B 288 -9.48 28.53 -18.53
C ARG B 288 -10.31 29.83 -18.63
N ALA B 289 -11.25 29.89 -19.57
CA ALA B 289 -12.08 31.09 -19.86
C ALA B 289 -13.31 31.11 -18.96
N SER B 290 -13.64 30.01 -18.28
CA SER B 290 -14.93 29.89 -17.56
C SER B 290 -14.92 30.79 -16.33
N PRO B 291 -16.02 31.53 -16.05
CA PRO B 291 -16.22 32.15 -14.73
C PRO B 291 -16.16 31.16 -13.55
N GLY B 292 -16.38 29.87 -13.83
CA GLY B 292 -16.24 28.80 -12.84
C GLY B 292 -14.83 28.76 -12.29
N MET B 293 -13.82 29.07 -13.10
CA MET B 293 -12.42 29.18 -12.59
C MET B 293 -12.31 30.28 -11.54
N ALA B 294 -12.88 31.46 -11.79
CA ALA B 294 -12.83 32.57 -10.81
C ALA B 294 -13.58 32.14 -9.54
N ARG B 295 -14.68 31.40 -9.68
CA ARG B 295 -15.45 30.92 -8.51
C ARG B 295 -14.58 29.98 -7.66
N ALA B 296 -13.86 29.06 -8.28
CA ALA B 296 -12.92 28.14 -7.59
C ALA B 296 -11.83 28.96 -6.89
N LYS B 297 -11.25 29.96 -7.56
CA LYS B 297 -10.19 30.83 -6.98
C LYS B 297 -10.74 31.59 -5.78
N ASP B 298 -12.00 31.98 -5.82
CA ASP B 298 -12.62 32.68 -4.67
C ASP B 298 -12.76 31.70 -3.49
N VAL B 299 -13.14 30.47 -3.76
CA VAL B 299 -13.19 29.41 -2.69
C VAL B 299 -11.78 29.18 -2.14
N LEU B 300 -10.78 29.03 -3.00
CA LEU B 300 -9.37 28.93 -2.56
C LEU B 300 -9.01 30.09 -1.60
N ALA B 301 -9.41 31.32 -1.91
CA ALA B 301 -9.13 32.50 -1.04
C ALA B 301 -9.84 32.35 0.30
N GLN B 302 -11.05 31.78 0.32
CA GLN B 302 -11.84 31.55 1.55
C GLN B 302 -11.04 30.60 2.44
N TYR B 303 -10.48 29.52 1.88
CA TYR B 303 -9.65 28.58 2.67
C TYR B 303 -8.38 29.28 3.17
N ALA B 304 -7.71 30.09 2.35
CA ALA B 304 -6.52 30.86 2.77
C ALA B 304 -6.92 31.72 3.99
N ALA B 305 -8.08 32.35 3.93
CA ALA B 305 -8.62 33.21 5.01
C ALA B 305 -8.84 32.37 6.27
N GLN B 306 -9.39 31.16 6.13
CA GLN B 306 -9.57 30.25 7.30
C GLN B 306 -8.20 29.90 7.89
N ALA B 307 -7.20 29.65 7.05
CA ALA B 307 -5.84 29.27 7.53
C ALA B 307 -5.24 30.45 8.29
N ARG B 308 -5.42 31.68 7.80
CA ARG B 308 -4.88 32.90 8.45
C ARG B 308 -5.60 33.10 9.79
N HIS B 309 -6.88 32.86 9.85
CA HIS B 309 -7.69 32.91 11.11
C HIS B 309 -7.10 31.94 12.14
N GLU B 310 -6.79 30.70 11.73
CA GLU B 310 -6.17 29.67 12.58
C GLU B 310 -4.76 30.14 13.04
N LEU B 311 -3.84 30.50 12.12
CA LEU B 311 -2.42 30.72 12.49
C LEU B 311 -2.29 31.99 13.32
N ALA B 312 -3.19 32.98 13.20
CA ALA B 312 -3.09 34.30 13.91
C ALA B 312 -2.92 34.12 15.43
N LEU B 313 -3.46 33.05 16.00
CA LEU B 313 -3.39 32.82 17.47
C LEU B 313 -2.22 31.92 17.84
N LEU B 314 -1.30 31.64 16.92
CA LEU B 314 0.05 31.21 17.33
C LEU B 314 0.78 32.42 17.90
N PRO B 315 1.90 32.18 18.59
CA PRO B 315 2.75 33.24 19.10
C PRO B 315 3.38 34.14 18.03
N ASP B 316 3.71 35.36 18.43
CA ASP B 316 4.37 36.35 17.56
C ASP B 316 5.84 35.92 17.46
N VAL B 317 6.08 34.86 16.70
CA VAL B 317 7.43 34.25 16.54
C VAL B 317 7.65 34.08 15.05
N PRO B 318 8.92 33.97 14.63
CA PRO B 318 9.24 33.80 13.21
C PRO B 318 8.42 32.69 12.53
N GLY B 319 8.15 31.60 13.27
CA GLY B 319 7.39 30.46 12.73
C GLY B 319 6.00 30.89 12.28
N ARG B 320 5.35 31.81 12.99
CA ARG B 320 3.99 32.27 12.63
C ARG B 320 4.04 33.06 11.32
N ARG B 321 5.00 33.98 11.20
CA ARG B 321 5.17 34.76 9.96
C ARG B 321 5.43 33.78 8.79
N ALA B 322 6.30 32.80 9.01
CA ALA B 322 6.71 31.82 7.98
C ALA B 322 5.48 31.02 7.56
N LEU B 323 4.64 30.54 8.50
CA LEU B 323 3.36 29.87 8.15
C LEU B 323 2.42 30.76 7.33
N ALA B 324 2.30 32.05 7.68
CA ALA B 324 1.53 33.05 6.91
C ALA B 324 2.08 33.10 5.48
N ALA B 325 3.39 33.17 5.30
CA ALA B 325 3.98 33.22 3.95
C ALA B 325 3.74 31.87 3.23
N LEU B 326 3.81 30.73 3.94
CA LEU B 326 3.49 29.39 3.36
C LEU B 326 2.05 29.37 2.83
N VAL B 327 1.10 29.90 3.58
CA VAL B 327 -0.33 29.98 3.14
C VAL B 327 -0.45 30.76 1.82
N ASP B 328 0.21 31.91 1.71
CA ASP B 328 0.21 32.71 0.46
C ASP B 328 0.80 31.87 -0.67
N TYR B 329 1.93 31.20 -0.44
CA TYR B 329 2.54 30.29 -1.44
C TYR B 329 1.57 29.15 -1.84
N THR B 330 0.93 28.51 -0.88
CA THR B 330 -0.03 27.39 -1.10
C THR B 330 -1.01 27.79 -2.21
N VAL B 331 -1.56 28.99 -2.11
CA VAL B 331 -2.64 29.40 -3.04
C VAL B 331 -2.09 30.12 -4.28
N SER B 332 -0.86 30.63 -4.30
CA SER B 332 -0.39 31.46 -5.45
CA SER B 332 -0.39 31.46 -5.45
C SER B 332 0.55 30.67 -6.37
N ARG B 333 1.14 29.58 -5.88
CA ARG B 333 2.13 28.76 -6.63
C ARG B 333 1.54 28.36 -7.99
N HIS B 334 2.41 28.19 -8.97
CA HIS B 334 2.06 27.65 -10.30
C HIS B 334 2.43 26.16 -10.44
N GLY B 335 3.01 25.50 -9.43
CA GLY B 335 3.35 24.05 -9.49
C GLY B 335 3.58 23.31 -8.15
#